data_6CY5
#
_entry.id   6CY5
#
_cell.length_a   49.520
_cell.length_b   49.640
_cell.length_c   69.710
_cell.angle_alpha   101.180
_cell.angle_beta   99.100
_cell.angle_gamma   105.580
#
_symmetry.space_group_name_H-M   'P 1'
#
loop_
_entity.id
_entity.type
_entity.pdbx_description
1 polymer 'Signal recognition particle receptor FtsY'
2 non-polymer "GUANOSINE-5'-DIPHOSPHATE"
3 non-polymer 'MAGNESIUM ION'
4 non-polymer 1,2-ETHANEDIOL
5 water water
#
_entity_poly.entity_id   1
_entity_poly.type   'polypeptide(L)'
_entity_poly.pdbx_seq_one_letter_code
;MAHHHHHHMVSWFKKIFKKEEKESLDKGLEKSSQSFFDKVSRAVVGKSKVDDEVLDDLEEVLIASDVGVETTVKIIRRIE
ERVARDKYVNVAELNNILREEISGLLLENPHAGTQNIDKTKKPYVIMVVGVNGVGKTTTIGKLAHQFKSEGLKVVLGAAD
TFRAAAVDQLVIWSERVGVPIVKQAMGSDPASVAFDTVQSAVSQDADVVIIDTAGRLHNKVNLMNELSKIKRVMQKVVPD
APHEVLLVLDGSTGQNAFEQAKQFTAATEVTALAVTKLDGTARGGVVIGISDQFQVPVKYIGVGEKMQDLQLFNGTEFVD
SFFKKREEN
;
_entity_poly.pdbx_strand_id   A,B
#
loop_
_chem_comp.id
_chem_comp.type
_chem_comp.name
_chem_comp.formula
EDO non-polymer 1,2-ETHANEDIOL 'C2 H6 O2'
GDP RNA linking GUANOSINE-5'-DIPHOSPHATE 'C10 H15 N5 O11 P2'
MG non-polymer 'MAGNESIUM ION' 'Mg 2'
#
# COMPACT_ATOMS: atom_id res chain seq x y z
N MET A 9 -17.73 -27.21 9.23
CA MET A 9 -16.73 -27.87 8.40
C MET A 9 -16.60 -27.16 7.05
N VAL A 10 -15.41 -26.60 6.77
CA VAL A 10 -15.20 -25.86 5.53
C VAL A 10 -15.36 -26.80 4.35
N SER A 11 -16.19 -26.39 3.38
CA SER A 11 -16.37 -27.11 2.13
C SER A 11 -15.88 -26.20 1.01
N TRP A 12 -14.76 -26.57 0.40
CA TRP A 12 -14.16 -25.67 -0.60
C TRP A 12 -15.00 -25.64 -1.87
N PHE A 13 -14.89 -24.53 -2.60
CA PHE A 13 -15.63 -24.37 -3.84
C PHE A 13 -15.15 -25.31 -4.93
N LYS A 14 -13.88 -25.72 -4.86
CA LYS A 14 -13.31 -26.65 -5.83
C LYS A 14 -12.73 -27.82 -5.03
N LYS A 15 -13.37 -28.97 -5.15
CA LYS A 15 -12.94 -30.15 -4.41
C LYS A 15 -12.05 -31.07 -5.23
N ILE A 16 -12.16 -31.03 -6.56
CA ILE A 16 -11.45 -31.94 -7.45
C ILE A 16 -10.59 -31.12 -8.41
N PHE A 17 -9.30 -31.40 -8.46
CA PHE A 17 -8.38 -30.75 -9.39
C PHE A 17 -7.94 -31.75 -10.45
N LYS A 18 -8.22 -31.43 -11.72
CA LYS A 18 -7.57 -32.14 -12.82
C LYS A 18 -6.07 -31.89 -12.77
N LYS A 19 -5.31 -32.80 -13.39
CA LYS A 19 -3.86 -32.64 -13.42
C LYS A 19 -3.48 -31.27 -13.96
N GLU A 20 -4.11 -30.87 -15.07
CA GLU A 20 -3.82 -29.56 -15.65
C GLU A 20 -4.19 -28.42 -14.72
N GLU A 21 -5.26 -28.58 -13.93
CA GLU A 21 -5.69 -27.50 -13.04
C GLU A 21 -4.72 -27.31 -11.88
N LYS A 22 -4.22 -28.41 -11.29
CA LYS A 22 -3.22 -28.27 -10.24
C LYS A 22 -1.94 -27.69 -10.81
N GLU A 23 -1.57 -28.06 -12.03
CA GLU A 23 -0.41 -27.46 -12.69
C GLU A 23 -0.62 -25.97 -12.90
N SER A 24 -1.84 -25.58 -13.29
CA SER A 24 -2.13 -24.16 -13.49
CA SER A 24 -2.13 -24.16 -13.48
C SER A 24 -2.05 -23.40 -12.17
N LEU A 25 -2.47 -24.03 -11.06
CA LEU A 25 -2.37 -23.37 -9.77
C LEU A 25 -0.92 -23.25 -9.33
N ASP A 26 -0.14 -24.34 -9.47
CA ASP A 26 1.29 -24.28 -9.19
C ASP A 26 1.97 -23.18 -9.99
N LYS A 27 1.66 -23.10 -11.28
CA LYS A 27 2.27 -22.10 -12.14
C LYS A 27 1.84 -20.69 -11.76
N GLY A 28 0.56 -20.52 -11.44
CA GLY A 28 0.09 -19.21 -11.01
C GLY A 28 0.80 -18.72 -9.77
N LEU A 29 1.12 -19.63 -8.85
CA LEU A 29 1.75 -19.27 -7.59
C LEU A 29 3.26 -19.39 -7.62
N GLU A 30 3.85 -19.69 -8.79
CA GLU A 30 5.26 -20.01 -8.87
C GLU A 30 6.13 -18.87 -8.35
N LYS A 31 5.87 -17.65 -8.81
CA LYS A 31 6.73 -16.54 -8.38
C LYS A 31 6.57 -16.26 -6.90
N SER A 32 5.33 -16.34 -6.38
CA SER A 32 5.14 -16.14 -4.95
C SER A 32 5.84 -17.24 -4.15
N SER A 33 5.77 -18.49 -4.62
CA SER A 33 6.41 -19.60 -3.93
C SER A 33 7.93 -19.45 -3.93
N GLN A 34 8.51 -19.12 -5.09
CA GLN A 34 9.95 -18.95 -5.16
C GLN A 34 10.42 -17.78 -4.30
N SER A 35 9.65 -16.68 -4.31
CA SER A 35 10.02 -15.52 -3.50
CA SER A 35 10.03 -15.53 -3.50
C SER A 35 10.01 -15.88 -2.02
N PHE A 36 8.96 -16.58 -1.57
CA PHE A 36 8.90 -16.96 -0.17
C PHE A 36 10.06 -17.88 0.20
N PHE A 37 10.32 -18.92 -0.61
CA PHE A 37 11.39 -19.85 -0.30
C PHE A 37 12.75 -19.15 -0.26
N ASP A 38 12.95 -18.18 -1.15
CA ASP A 38 14.18 -17.37 -1.12
C ASP A 38 14.33 -16.66 0.22
N LYS A 39 13.26 -16.01 0.68
CA LYS A 39 13.33 -15.26 1.93
C LYS A 39 13.59 -16.17 3.12
N VAL A 40 12.90 -17.30 3.23
CA VAL A 40 13.10 -18.18 4.39
CA VAL A 40 13.10 -18.15 4.39
C VAL A 40 14.49 -18.78 4.38
N SER A 41 14.95 -19.22 3.20
CA SER A 41 16.27 -19.83 3.11
CA SER A 41 16.28 -19.82 3.11
C SER A 41 17.34 -18.85 3.58
N ARG A 42 17.27 -17.59 3.12
CA ARG A 42 18.23 -16.59 3.55
C ARG A 42 18.13 -16.32 5.04
N ALA A 43 16.93 -16.39 5.60
CA ALA A 43 16.75 -16.09 7.02
C ALA A 43 17.35 -17.15 7.93
N VAL A 44 17.41 -18.41 7.49
CA VAL A 44 17.87 -19.50 8.35
C VAL A 44 19.24 -20.03 7.94
N VAL A 45 19.99 -19.32 7.09
CA VAL A 45 21.33 -19.78 6.79
C VAL A 45 22.17 -19.77 8.06
N GLY A 46 22.95 -20.82 8.24
CA GLY A 46 23.78 -20.92 9.42
C GLY A 46 23.04 -21.29 10.69
N LYS A 47 21.72 -21.46 10.63
CA LYS A 47 20.94 -21.93 11.76
C LYS A 47 20.67 -23.43 11.58
N SER A 48 20.48 -24.11 12.70
CA SER A 48 20.17 -25.53 12.67
C SER A 48 18.82 -25.84 13.27
N LYS A 49 18.53 -25.32 14.46
CA LYS A 49 17.30 -25.61 15.18
C LYS A 49 16.38 -24.39 15.16
N VAL A 50 15.08 -24.64 15.14
CA VAL A 50 14.12 -23.55 15.23
C VAL A 50 14.11 -23.06 16.67
N ASP A 51 14.51 -21.81 16.88
CA ASP A 51 14.41 -21.19 18.19
C ASP A 51 13.68 -19.86 18.10
N ASP A 52 13.67 -19.09 19.18
CA ASP A 52 12.90 -17.84 19.20
C ASP A 52 13.42 -16.85 18.16
N GLU A 53 14.72 -16.84 17.90
CA GLU A 53 15.25 -15.94 16.87
C GLU A 53 14.78 -16.37 15.48
N VAL A 54 14.75 -17.67 15.21
CA VAL A 54 14.27 -18.14 13.91
C VAL A 54 12.80 -17.77 13.73
N LEU A 55 11.98 -17.93 14.77
CA LEU A 55 10.57 -17.59 14.65
C LEU A 55 10.37 -16.09 14.49
N ASP A 56 11.21 -15.29 15.17
CA ASP A 56 11.15 -13.84 14.95
C ASP A 56 11.46 -13.51 13.50
N ASP A 57 12.54 -14.11 12.97
CA ASP A 57 12.88 -13.86 11.57
C ASP A 57 11.81 -14.40 10.62
N LEU A 58 11.15 -15.50 10.98
CA LEU A 58 10.09 -16.04 10.15
C LEU A 58 8.87 -15.12 10.14
N GLU A 59 8.56 -14.49 11.28
CA GLU A 59 7.49 -13.50 11.29
C GLU A 59 7.80 -12.37 10.33
N GLU A 60 9.05 -11.89 10.34
CA GLU A 60 9.44 -10.85 9.40
C GLU A 60 9.25 -11.30 7.95
N VAL A 61 9.58 -12.55 7.64
CA VAL A 61 9.40 -13.05 6.27
C VAL A 61 7.92 -13.10 5.91
N LEU A 62 7.07 -13.57 6.82
CA LEU A 62 5.65 -13.68 6.51
C LEU A 62 5.05 -12.31 6.23
N ILE A 63 5.43 -11.30 7.02
CA ILE A 63 4.99 -9.94 6.76
C ILE A 63 5.51 -9.45 5.41
N ALA A 64 6.78 -9.71 5.11
CA ALA A 64 7.33 -9.30 3.81
C ALA A 64 6.70 -10.05 2.65
N SER A 65 5.97 -11.14 2.93
CA SER A 65 5.25 -11.93 1.94
C SER A 65 3.76 -11.56 1.88
N ASP A 66 3.36 -10.43 2.47
CA ASP A 66 2.01 -9.86 2.41
C ASP A 66 0.95 -10.72 3.10
N VAL A 67 1.35 -11.58 4.05
CA VAL A 67 0.37 -12.41 4.74
C VAL A 67 -0.46 -11.58 5.73
N GLY A 68 0.08 -10.48 6.23
CA GLY A 68 -0.68 -9.60 7.08
C GLY A 68 -0.41 -9.86 8.56
N VAL A 69 -0.61 -8.81 9.37
CA VAL A 69 -0.19 -8.86 10.77
C VAL A 69 -1.01 -9.89 11.55
N GLU A 70 -2.33 -9.81 11.47
CA GLU A 70 -3.16 -10.65 12.33
C GLU A 70 -2.99 -12.12 11.98
N THR A 71 -2.93 -12.44 10.69
CA THR A 71 -2.76 -13.83 10.28
C THR A 71 -1.39 -14.33 10.65
N THR A 72 -0.35 -13.51 10.44
CA THR A 72 1.00 -13.94 10.75
C THR A 72 1.14 -14.22 12.24
N VAL A 73 0.54 -13.40 13.10
CA VAL A 73 0.59 -13.67 14.54
C VAL A 73 0.01 -15.05 14.85
N LYS A 74 -1.14 -15.37 14.25
CA LYS A 74 -1.75 -16.68 14.47
C LYS A 74 -0.84 -17.80 13.98
N ILE A 75 -0.20 -17.62 12.82
CA ILE A 75 0.68 -18.66 12.30
C ILE A 75 1.86 -18.88 13.22
N ILE A 76 2.51 -17.79 13.65
CA ILE A 76 3.68 -17.93 14.50
C ILE A 76 3.30 -18.52 15.85
N ARG A 77 2.12 -18.17 16.37
CA ARG A 77 1.69 -18.75 17.64
C ARG A 77 1.54 -20.26 17.53
N ARG A 78 0.92 -20.73 16.44
CA ARG A 78 0.78 -22.17 16.23
CA ARG A 78 0.77 -22.17 16.25
C ARG A 78 2.13 -22.85 16.07
N ILE A 79 3.05 -22.22 15.33
CA ILE A 79 4.38 -22.82 15.17
C ILE A 79 5.16 -22.79 16.47
N GLU A 80 5.06 -21.69 17.23
CA GLU A 80 5.68 -21.64 18.55
C GLU A 80 5.24 -22.81 19.40
N GLU A 81 3.93 -23.07 19.42
CA GLU A 81 3.39 -24.15 20.24
C GLU A 81 3.93 -25.50 19.78
N ARG A 82 3.93 -25.72 18.46
CA ARG A 82 4.41 -26.98 17.91
C ARG A 82 5.89 -27.18 18.20
N VAL A 83 6.68 -26.11 18.09
CA VAL A 83 8.10 -26.21 18.42
C VAL A 83 8.29 -26.54 19.90
N ALA A 84 7.51 -25.89 20.77
CA ALA A 84 7.62 -26.17 22.20
C ALA A 84 7.33 -27.63 22.50
N ARG A 85 6.39 -28.23 21.76
CA ARG A 85 6.09 -29.65 21.99
C ARG A 85 7.20 -30.56 21.49
N ASP A 86 7.71 -30.29 20.29
CA ASP A 86 8.72 -31.15 19.67
C ASP A 86 10.14 -30.82 20.09
N LYS A 87 10.36 -29.68 20.75
CA LYS A 87 11.63 -29.31 21.38
C LYS A 87 12.75 -29.07 20.36
N TYR A 88 13.05 -30.07 19.53
CA TYR A 88 14.11 -29.95 18.52
C TYR A 88 13.49 -30.11 17.15
N VAL A 89 13.48 -29.02 16.38
CA VAL A 89 12.97 -29.00 15.02
C VAL A 89 14.03 -28.38 14.12
N ASN A 90 14.34 -29.05 13.02
CA ASN A 90 15.33 -28.54 12.07
C ASN A 90 14.71 -27.46 11.19
N VAL A 91 15.49 -26.40 10.94
CA VAL A 91 15.00 -25.29 10.14
C VAL A 91 14.58 -25.72 8.74
N ALA A 92 15.11 -26.83 8.24
CA ALA A 92 14.74 -27.32 6.92
C ALA A 92 13.27 -27.76 6.86
N GLU A 93 12.65 -28.02 8.01
CA GLU A 93 11.26 -28.45 8.07
C GLU A 93 10.26 -27.30 8.04
N LEU A 94 10.74 -26.05 7.96
CA LEU A 94 9.83 -24.91 8.10
C LEU A 94 8.80 -24.87 6.99
N ASN A 95 9.20 -25.10 5.74
CA ASN A 95 8.22 -25.13 4.66
C ASN A 95 7.14 -26.18 4.93
N ASN A 96 7.54 -27.37 5.38
CA ASN A 96 6.56 -28.40 5.69
C ASN A 96 5.67 -27.99 6.85
N ILE A 97 6.27 -27.41 7.90
CA ILE A 97 5.48 -26.98 9.06
C ILE A 97 4.52 -25.87 8.66
N LEU A 98 4.99 -24.91 7.85
CA LEU A 98 4.11 -23.84 7.40
C LEU A 98 2.94 -24.39 6.61
N ARG A 99 3.21 -25.32 5.69
CA ARG A 99 2.14 -25.91 4.89
C ARG A 99 1.09 -26.53 5.78
N GLU A 100 1.52 -27.30 6.78
CA GLU A 100 0.58 -28.00 7.65
C GLU A 100 -0.20 -27.01 8.51
N GLU A 101 0.51 -26.07 9.15
CA GLU A 101 -0.13 -25.17 10.10
C GLU A 101 -1.03 -24.15 9.39
N ILE A 102 -0.60 -23.64 8.24
CA ILE A 102 -1.45 -22.67 7.54
C ILE A 102 -2.67 -23.34 6.91
N SER A 103 -2.49 -24.55 6.36
CA SER A 103 -3.64 -25.31 5.89
C SER A 103 -4.65 -25.52 7.01
N GLY A 104 -4.18 -25.95 8.19
CA GLY A 104 -5.09 -26.08 9.32
C GLY A 104 -5.78 -24.77 9.68
N LEU A 105 -5.04 -23.66 9.66
CA LEU A 105 -5.60 -22.37 10.05
C LEU A 105 -6.74 -21.95 9.12
N LEU A 106 -6.56 -22.10 7.80
CA LEU A 106 -7.61 -21.65 6.88
C LEU A 106 -8.90 -22.43 7.09
N LEU A 107 -8.80 -23.68 7.56
CA LEU A 107 -10.01 -24.45 7.80
C LEU A 107 -10.76 -24.00 9.03
N GLU A 108 -10.21 -23.10 9.83
CA GLU A 108 -10.84 -22.64 11.06
C GLU A 108 -11.82 -21.50 10.86
N ASN A 109 -11.88 -20.91 9.66
CA ASN A 109 -12.79 -19.82 9.40
C ASN A 109 -14.11 -20.39 8.90
N PRO A 110 -15.20 -20.32 9.69
CA PRO A 110 -16.46 -20.92 9.23
C PRO A 110 -17.04 -20.21 8.03
N HIS A 111 -16.57 -19.01 7.72
CA HIS A 111 -17.08 -18.29 6.56
C HIS A 111 -16.35 -18.65 5.27
N ALA A 112 -15.28 -19.44 5.34
CA ALA A 112 -14.62 -19.90 4.12
C ALA A 112 -15.46 -20.97 3.44
N GLY A 113 -15.23 -21.14 2.13
CA GLY A 113 -15.88 -22.20 1.40
C GLY A 113 -17.36 -21.90 1.16
N THR A 114 -18.05 -22.92 0.67
CA THR A 114 -19.47 -22.78 0.41
C THR A 114 -20.27 -23.08 1.67
N GLN A 115 -21.47 -22.52 1.74
CA GLN A 115 -22.40 -22.86 2.82
C GLN A 115 -23.51 -23.80 2.35
N ASN A 116 -23.49 -24.22 1.09
CA ASN A 116 -24.44 -25.19 0.54
C ASN A 116 -25.88 -24.74 0.73
N LYS A 119 -30.61 -23.82 -3.63
CA LYS A 119 -30.58 -23.05 -4.87
C LYS A 119 -31.85 -22.22 -5.02
N THR A 120 -31.70 -21.03 -5.60
CA THR A 120 -32.81 -20.15 -5.92
C THR A 120 -33.16 -20.26 -7.41
N LYS A 121 -34.36 -19.79 -7.74
CA LYS A 121 -34.84 -19.86 -9.11
C LYS A 121 -33.94 -19.08 -10.06
N LYS A 122 -33.73 -19.64 -11.26
CA LYS A 122 -33.03 -18.91 -12.30
C LYS A 122 -33.78 -17.61 -12.61
N PRO A 123 -33.08 -16.57 -13.03
CA PRO A 123 -31.62 -16.55 -13.24
C PRO A 123 -30.85 -16.32 -11.95
N TYR A 124 -29.64 -16.86 -11.92
CA TYR A 124 -28.69 -16.56 -10.86
C TYR A 124 -27.97 -15.26 -11.22
N VAL A 125 -28.15 -14.23 -10.40
CA VAL A 125 -27.70 -12.89 -10.73
C VAL A 125 -26.42 -12.57 -9.96
N ILE A 126 -25.35 -12.27 -10.69
CA ILE A 126 -24.04 -11.93 -10.10
C ILE A 126 -23.78 -10.45 -10.37
N MET A 127 -23.51 -9.69 -9.31
CA MET A 127 -23.06 -8.32 -9.46
C MET A 127 -21.58 -8.28 -9.13
N VAL A 128 -20.76 -7.92 -10.12
CA VAL A 128 -19.31 -7.86 -9.96
C VAL A 128 -18.94 -6.43 -9.60
N VAL A 129 -18.20 -6.26 -8.50
CA VAL A 129 -17.89 -4.95 -7.96
C VAL A 129 -16.39 -4.89 -7.68
N GLY A 130 -15.90 -3.67 -7.50
CA GLY A 130 -14.50 -3.45 -7.23
C GLY A 130 -14.01 -2.16 -7.88
N VAL A 131 -12.77 -1.79 -7.64
CA VAL A 131 -12.20 -0.56 -8.14
CA VAL A 131 -12.27 -0.55 -8.17
C VAL A 131 -11.68 -0.79 -9.55
N ASN A 132 -11.65 0.29 -10.35
CA ASN A 132 -11.12 0.20 -11.71
C ASN A 132 -9.70 -0.37 -11.72
N GLY A 133 -9.45 -1.30 -12.65
CA GLY A 133 -8.14 -1.84 -12.88
C GLY A 133 -7.86 -3.17 -12.19
N VAL A 134 -8.76 -3.64 -11.32
CA VAL A 134 -8.46 -4.87 -10.58
C VAL A 134 -8.70 -6.12 -11.41
N GLY A 135 -9.48 -6.02 -12.49
CA GLY A 135 -9.81 -7.16 -13.33
C GLY A 135 -11.27 -7.58 -13.33
N LYS A 136 -12.18 -6.66 -13.03
CA LYS A 136 -13.61 -6.98 -13.00
C LYS A 136 -14.09 -7.51 -14.34
N THR A 137 -13.88 -6.74 -15.41
CA THR A 137 -14.46 -7.09 -16.69
C THR A 137 -13.83 -8.36 -17.24
N THR A 138 -12.51 -8.51 -17.05
CA THR A 138 -11.84 -9.77 -17.38
C THR A 138 -12.44 -10.93 -16.62
N THR A 139 -12.67 -10.74 -15.32
CA THR A 139 -13.24 -11.81 -14.52
C THR A 139 -14.65 -12.17 -15.00
N ILE A 140 -15.42 -11.15 -15.41
CA ILE A 140 -16.73 -11.43 -15.98
C ILE A 140 -16.62 -12.29 -17.23
N GLY A 141 -15.67 -11.99 -18.11
CA GLY A 141 -15.47 -12.84 -19.28
C GLY A 141 -15.11 -14.27 -18.89
N LYS A 142 -14.21 -14.42 -17.91
CA LYS A 142 -13.83 -15.75 -17.43
C LYS A 142 -15.04 -16.48 -16.83
N LEU A 143 -15.85 -15.78 -16.04
CA LEU A 143 -17.04 -16.41 -15.48
C LEU A 143 -17.99 -16.85 -16.58
N ALA A 144 -18.19 -15.98 -17.59
CA ALA A 144 -19.10 -16.34 -18.68
C ALA A 144 -18.63 -17.61 -19.37
N HIS A 145 -17.31 -17.74 -19.57
CA HIS A 145 -16.74 -18.98 -20.11
C HIS A 145 -17.00 -20.16 -19.19
N GLN A 146 -16.75 -20.00 -17.89
CA GLN A 146 -17.00 -21.07 -16.93
C GLN A 146 -18.42 -21.60 -17.06
N PHE A 147 -19.40 -20.69 -17.05
CA PHE A 147 -20.80 -21.11 -17.06
C PHE A 147 -21.23 -21.64 -18.43
N LYS A 148 -20.84 -20.95 -19.51
CA LYS A 148 -21.18 -21.47 -20.83
C LYS A 148 -20.59 -22.85 -21.07
N SER A 149 -19.39 -23.12 -20.52
CA SER A 149 -18.78 -24.44 -20.68
CA SER A 149 -18.79 -24.43 -20.68
C SER A 149 -19.59 -25.53 -20.00
N GLU A 150 -20.37 -25.18 -18.99
CA GLU A 150 -21.26 -26.11 -18.29
C GLU A 150 -22.61 -26.25 -18.97
N GLY A 151 -22.81 -25.60 -20.11
CA GLY A 151 -24.08 -25.66 -20.80
C GLY A 151 -25.09 -24.63 -20.36
N LEU A 152 -24.69 -23.63 -19.58
CA LEU A 152 -25.60 -22.62 -19.07
C LEU A 152 -25.68 -21.43 -20.03
N LYS A 153 -26.83 -20.76 -20.00
CA LYS A 153 -27.11 -19.57 -20.80
C LYS A 153 -26.79 -18.34 -19.97
N VAL A 154 -25.80 -17.56 -20.40
CA VAL A 154 -25.29 -16.41 -19.69
C VAL A 154 -25.74 -15.15 -20.40
N VAL A 155 -26.13 -14.12 -19.64
CA VAL A 155 -26.39 -12.79 -20.16
C VAL A 155 -25.57 -11.78 -19.38
N LEU A 156 -24.87 -10.90 -20.10
CA LEU A 156 -24.03 -9.86 -19.49
C LEU A 156 -24.76 -8.52 -19.50
N GLY A 157 -24.54 -7.75 -18.45
CA GLY A 157 -25.10 -6.41 -18.32
C GLY A 157 -24.03 -5.34 -18.22
N ALA A 158 -24.03 -4.38 -19.14
CA ALA A 158 -22.95 -3.38 -19.19
C ALA A 158 -23.33 -2.17 -18.33
N ALA A 159 -23.32 -2.38 -17.01
CA ALA A 159 -23.74 -1.30 -16.10
C ALA A 159 -22.56 -0.49 -15.58
N ASP A 160 -21.34 -0.72 -16.08
CA ASP A 160 -20.23 0.22 -15.90
C ASP A 160 -20.32 1.19 -17.07
N THR A 161 -20.91 2.37 -16.83
CA THR A 161 -21.16 3.31 -17.93
C THR A 161 -20.44 4.63 -17.74
N PHE A 162 -19.52 4.74 -16.79
CA PHE A 162 -18.87 6.02 -16.57
C PHE A 162 -17.93 6.38 -17.71
N ARG A 163 -17.05 5.46 -18.10
N ARG A 163 -16.91 5.54 -17.93
CA ARG A 163 -16.23 5.63 -19.30
CA ARG A 163 -15.78 5.89 -18.76
C ARG A 163 -16.85 4.91 -20.48
C ARG A 163 -16.03 5.51 -20.22
N ALA A 164 -16.75 5.51 -21.67
N ALA A 164 -15.09 5.92 -21.07
CA ALA A 164 -17.26 4.86 -22.87
CA ALA A 164 -15.28 5.82 -22.52
C ALA A 164 -16.50 3.58 -23.18
C ALA A 164 -15.37 4.37 -22.96
N ALA A 165 -15.21 3.52 -22.82
N ALA A 165 -14.45 3.53 -22.50
CA ALA A 165 -14.42 2.32 -23.07
CA ALA A 165 -14.28 2.20 -23.07
C ALA A 165 -14.94 1.13 -22.28
C ALA A 165 -14.89 1.08 -22.24
N ALA A 166 -15.56 1.39 -21.13
CA ALA A 166 -16.05 0.32 -20.26
C ALA A 166 -17.04 -0.58 -20.98
N VAL A 167 -18.05 0.02 -21.62
CA VAL A 167 -19.03 -0.78 -22.34
C VAL A 167 -18.35 -1.53 -23.48
N ASP A 168 -17.46 -0.85 -24.22
CA ASP A 168 -16.71 -1.48 -25.30
C ASP A 168 -15.95 -2.72 -24.83
N GLN A 169 -15.36 -2.64 -23.63
CA GLN A 169 -14.57 -3.75 -23.11
C GLN A 169 -15.45 -4.95 -22.79
N LEU A 170 -16.65 -4.73 -22.23
CA LEU A 170 -17.53 -5.87 -21.97
C LEU A 170 -18.09 -6.45 -23.25
N VAL A 171 -18.38 -5.59 -24.24
CA VAL A 171 -18.79 -6.09 -25.56
C VAL A 171 -17.70 -7.01 -26.12
N ILE A 172 -16.44 -6.57 -26.01
CA ILE A 172 -15.32 -7.38 -26.50
C ILE A 172 -15.33 -8.76 -25.85
N TRP A 173 -15.54 -8.82 -24.54
CA TRP A 173 -15.56 -10.12 -23.87
C TRP A 173 -16.79 -10.92 -24.27
N SER A 174 -17.93 -10.25 -24.45
CA SER A 174 -19.13 -10.97 -24.86
C SER A 174 -18.91 -11.68 -26.19
N GLU A 175 -18.09 -11.07 -27.07
CA GLU A 175 -17.76 -11.68 -28.35
C GLU A 175 -16.74 -12.80 -28.22
N ARG A 176 -15.75 -12.65 -27.33
CA ARG A 176 -14.75 -13.72 -27.14
C ARG A 176 -15.40 -15.00 -26.66
N VAL A 177 -16.37 -14.89 -25.75
CA VAL A 177 -17.01 -16.08 -25.20
C VAL A 177 -18.21 -16.49 -26.05
N GLY A 178 -18.93 -15.53 -26.61
CA GLY A 178 -20.10 -15.81 -27.40
C GLY A 178 -21.33 -15.85 -26.51
N VAL A 179 -21.55 -14.77 -25.77
CA VAL A 179 -22.76 -14.65 -24.93
C VAL A 179 -23.45 -13.33 -25.21
N PRO A 180 -24.77 -13.23 -25.03
CA PRO A 180 -25.45 -11.96 -25.29
C PRO A 180 -25.13 -10.92 -24.23
N ILE A 181 -25.31 -9.66 -24.62
CA ILE A 181 -25.02 -8.54 -23.74
C ILE A 181 -26.14 -7.53 -23.86
N VAL A 182 -26.49 -6.92 -22.73
CA VAL A 182 -27.46 -5.82 -22.69
C VAL A 182 -26.70 -4.56 -22.34
N LYS A 183 -26.88 -3.51 -23.15
CA LYS A 183 -26.11 -2.30 -22.95
C LYS A 183 -26.93 -1.11 -23.39
N GLN A 184 -26.55 0.06 -22.85
CA GLN A 184 -27.07 1.32 -23.33
C GLN A 184 -25.91 2.23 -23.73
N ALA A 185 -26.09 3.53 -23.63
CA ALA A 185 -25.05 4.47 -24.02
C ALA A 185 -24.11 4.79 -22.86
N MET A 186 -23.02 5.47 -23.19
CA MET A 186 -22.12 5.97 -22.15
C MET A 186 -22.87 6.91 -21.24
N GLY A 187 -22.62 6.78 -19.93
CA GLY A 187 -23.31 7.62 -18.96
C GLY A 187 -24.77 7.29 -18.76
N SER A 188 -25.26 6.18 -19.34
CA SER A 188 -26.60 5.75 -19.05
C SER A 188 -26.72 5.34 -17.59
N ASP A 189 -27.94 5.41 -17.07
CA ASP A 189 -28.16 5.06 -15.68
C ASP A 189 -27.82 3.59 -15.46
N PRO A 190 -26.81 3.28 -14.65
CA PRO A 190 -26.44 1.86 -14.46
C PRO A 190 -27.60 1.01 -13.97
N ALA A 191 -28.43 1.52 -13.06
CA ALA A 191 -29.55 0.71 -12.59
C ALA A 191 -30.50 0.37 -13.74
N SER A 192 -30.72 1.31 -14.66
CA SER A 192 -31.60 1.03 -15.79
CA SER A 192 -31.61 1.02 -15.77
C SER A 192 -31.03 -0.08 -16.66
N VAL A 193 -29.72 -0.07 -16.87
CA VAL A 193 -29.10 -1.15 -17.63
C VAL A 193 -29.28 -2.48 -16.92
N ALA A 194 -29.05 -2.49 -15.61
CA ALA A 194 -29.23 -3.73 -14.84
C ALA A 194 -30.67 -4.21 -14.92
N PHE A 195 -31.64 -3.30 -14.84
CA PHE A 195 -33.04 -3.69 -14.96
C PHE A 195 -33.30 -4.37 -16.29
N ASP A 196 -32.84 -3.74 -17.37
CA ASP A 196 -33.02 -4.29 -18.71
C ASP A 196 -32.34 -5.64 -18.84
N THR A 197 -31.17 -5.79 -18.21
CA THR A 197 -30.45 -7.06 -18.29
C THR A 197 -31.23 -8.19 -17.65
N VAL A 198 -31.74 -7.96 -16.44
CA VAL A 198 -32.48 -9.01 -15.75
C VAL A 198 -33.80 -9.31 -16.46
N GLN A 199 -34.50 -8.28 -16.93
CA GLN A 199 -35.71 -8.49 -17.72
C GLN A 199 -35.44 -9.38 -18.93
N SER A 200 -34.36 -9.08 -19.66
CA SER A 200 -34.01 -9.86 -20.84
C SER A 200 -33.66 -11.29 -20.46
N ALA A 201 -32.92 -11.48 -19.37
CA ALA A 201 -32.57 -12.83 -18.94
C ALA A 201 -33.81 -13.64 -18.59
N VAL A 202 -34.79 -13.01 -17.96
CA VAL A 202 -36.03 -13.71 -17.63
C VAL A 202 -36.77 -14.09 -18.92
N SER A 203 -36.88 -13.14 -19.86
CA SER A 203 -37.60 -13.41 -21.11
CA SER A 203 -37.61 -13.42 -21.09
C SER A 203 -36.90 -14.49 -21.93
N GLN A 204 -35.57 -14.56 -21.86
CA GLN A 204 -34.79 -15.52 -22.63
C GLN A 204 -34.56 -16.83 -21.88
N ASP A 205 -35.12 -16.96 -20.68
CA ASP A 205 -34.95 -18.16 -19.86
C ASP A 205 -33.46 -18.45 -19.62
N ALA A 206 -32.70 -17.40 -19.34
CA ALA A 206 -31.28 -17.53 -19.12
C ALA A 206 -30.99 -18.08 -17.72
N ASP A 207 -29.82 -18.69 -17.58
CA ASP A 207 -29.41 -19.30 -16.31
C ASP A 207 -28.63 -18.35 -15.41
N VAL A 208 -27.79 -17.50 -16.00
CA VAL A 208 -26.91 -16.65 -15.22
C VAL A 208 -26.91 -15.24 -15.81
N VAL A 209 -26.97 -14.25 -14.92
CA VAL A 209 -26.80 -12.85 -15.27
C VAL A 209 -25.54 -12.36 -14.59
N ILE A 210 -24.68 -11.65 -15.31
CA ILE A 210 -23.50 -11.04 -14.70
C ILE A 210 -23.49 -9.56 -15.04
N ILE A 211 -23.51 -8.73 -14.00
CA ILE A 211 -23.57 -7.28 -14.12
C ILE A 211 -22.18 -6.70 -13.83
N ASP A 212 -21.64 -5.94 -14.79
CA ASP A 212 -20.41 -5.17 -14.59
C ASP A 212 -20.76 -3.82 -13.96
N THR A 213 -19.89 -3.31 -13.08
CA THR A 213 -20.16 -2.04 -12.40
C THR A 213 -18.89 -1.21 -12.32
N ALA A 214 -19.11 0.10 -12.20
CA ALA A 214 -18.02 0.98 -11.83
C ALA A 214 -17.84 0.89 -10.32
N GLY A 215 -16.64 1.17 -9.87
CA GLY A 215 -16.43 1.11 -8.44
C GLY A 215 -15.51 2.22 -8.00
N ARG A 216 -15.93 3.45 -8.25
CA ARG A 216 -15.12 4.62 -7.93
C ARG A 216 -15.20 4.82 -6.43
N LEU A 217 -14.17 4.36 -5.74
CA LEU A 217 -14.19 4.29 -4.29
C LEU A 217 -13.85 5.61 -3.61
N HIS A 218 -13.44 6.63 -4.39
CA HIS A 218 -13.02 7.88 -3.79
C HIS A 218 -14.16 8.60 -3.09
N ASN A 219 -15.41 8.41 -3.54
CA ASN A 219 -16.55 8.97 -2.82
C ASN A 219 -17.44 7.79 -2.46
N LYS A 220 -17.29 7.31 -1.22
CA LYS A 220 -18.03 6.13 -0.80
C LYS A 220 -19.53 6.38 -0.72
N VAL A 221 -19.96 7.62 -0.55
CA VAL A 221 -21.39 7.89 -0.56
C VAL A 221 -21.96 7.62 -1.95
N ASN A 222 -21.32 8.19 -2.99
CA ASN A 222 -21.82 7.96 -4.34
C ASN A 222 -21.76 6.49 -4.72
N LEU A 223 -20.68 5.82 -4.33
CA LEU A 223 -20.53 4.39 -4.58
C LEU A 223 -21.65 3.59 -3.93
N MET A 224 -21.88 3.82 -2.65
CA MET A 224 -22.92 3.14 -1.91
C MET A 224 -24.29 3.36 -2.56
N ASN A 225 -24.59 4.61 -2.94
CA ASN A 225 -25.88 4.92 -3.54
C ASN A 225 -26.06 4.24 -4.90
N GLU A 226 -25.00 4.20 -5.71
CA GLU A 226 -25.13 3.60 -7.04
C GLU A 226 -25.36 2.11 -6.93
N LEU A 227 -24.55 1.43 -6.12
CA LEU A 227 -24.71 -0.01 -5.98
C LEU A 227 -26.05 -0.36 -5.34
N SER A 228 -26.51 0.43 -4.38
CA SER A 228 -27.80 0.14 -3.76
CA SER A 228 -27.80 0.14 -3.76
C SER A 228 -28.93 0.34 -4.77
N LYS A 229 -28.82 1.34 -5.64
CA LYS A 229 -29.86 1.51 -6.65
C LYS A 229 -29.88 0.35 -7.64
N ILE A 230 -28.71 -0.12 -8.06
CA ILE A 230 -28.67 -1.28 -8.97
C ILE A 230 -29.37 -2.47 -8.33
N LYS A 231 -29.07 -2.75 -7.06
CA LYS A 231 -29.70 -3.89 -6.39
C LYS A 231 -31.22 -3.69 -6.27
N ARG A 232 -31.65 -2.51 -5.82
CA ARG A 232 -33.07 -2.27 -5.61
C ARG A 232 -33.86 -2.39 -6.90
N VAL A 233 -33.31 -1.88 -8.00
CA VAL A 233 -34.04 -1.93 -9.27
C VAL A 233 -34.12 -3.36 -9.79
N MET A 234 -33.04 -4.13 -9.65
CA MET A 234 -33.07 -5.53 -10.08
C MET A 234 -34.09 -6.33 -9.28
N GLN A 235 -34.30 -5.95 -8.03
CA GLN A 235 -35.26 -6.65 -7.18
C GLN A 235 -36.69 -6.43 -7.61
N LYS A 236 -36.95 -5.41 -8.44
CA LYS A 236 -38.27 -5.26 -9.03
C LYS A 236 -38.59 -6.45 -9.94
N VAL A 237 -37.57 -7.05 -10.54
CA VAL A 237 -37.71 -8.17 -11.44
C VAL A 237 -37.50 -9.50 -10.74
N VAL A 238 -36.40 -9.64 -10.01
CA VAL A 238 -36.06 -10.87 -9.30
C VAL A 238 -35.85 -10.52 -7.83
N PRO A 239 -36.79 -10.86 -6.95
CA PRO A 239 -36.76 -10.25 -5.60
C PRO A 239 -35.56 -10.59 -4.77
N ASP A 240 -34.93 -11.74 -5.00
CA ASP A 240 -33.76 -12.11 -4.20
C ASP A 240 -32.45 -11.84 -4.92
N ALA A 241 -32.47 -11.06 -6.01
CA ALA A 241 -31.24 -10.67 -6.69
C ALA A 241 -30.64 -9.44 -6.01
N PRO A 242 -29.31 -9.24 -6.12
CA PRO A 242 -28.32 -10.17 -6.67
C PRO A 242 -28.09 -11.32 -5.72
N HIS A 243 -27.89 -12.51 -6.29
CA HIS A 243 -27.63 -13.67 -5.48
C HIS A 243 -26.19 -13.72 -5.01
N GLU A 244 -25.29 -13.11 -5.79
CA GLU A 244 -23.88 -13.01 -5.45
C GLU A 244 -23.43 -11.59 -5.73
N VAL A 245 -22.68 -11.03 -4.80
CA VAL A 245 -21.98 -9.77 -5.01
C VAL A 245 -20.51 -10.09 -4.88
N LEU A 246 -19.82 -10.12 -6.02
CA LEU A 246 -18.45 -10.61 -6.09
C LEU A 246 -17.51 -9.41 -6.16
N LEU A 247 -16.72 -9.21 -5.10
CA LEU A 247 -15.73 -8.14 -5.02
C LEU A 247 -14.41 -8.65 -5.58
N VAL A 248 -13.90 -7.97 -6.61
CA VAL A 248 -12.66 -8.34 -7.28
C VAL A 248 -11.52 -7.51 -6.71
N LEU A 249 -10.41 -8.18 -6.40
CA LEU A 249 -9.26 -7.59 -5.74
C LEU A 249 -8.01 -7.97 -6.51
N ASP A 250 -7.07 -7.03 -6.59
CA ASP A 250 -5.84 -7.21 -7.37
C ASP A 250 -4.76 -7.82 -6.47
N GLY A 251 -4.53 -9.12 -6.58
CA GLY A 251 -3.53 -9.79 -5.75
C GLY A 251 -2.11 -9.39 -6.05
N SER A 252 -1.85 -8.75 -7.19
CA SER A 252 -0.51 -8.25 -7.46
C SER A 252 -0.12 -7.10 -6.55
N THR A 253 -1.07 -6.51 -5.82
CA THR A 253 -0.81 -5.41 -4.91
C THR A 253 -0.64 -5.88 -3.47
N GLY A 254 -0.66 -7.18 -3.25
CA GLY A 254 -0.42 -7.69 -1.91
C GLY A 254 -1.41 -7.12 -0.90
N GLN A 255 -0.88 -6.71 0.25
CA GLN A 255 -1.74 -6.24 1.33
C GLN A 255 -2.54 -4.99 0.96
N ASN A 256 -2.15 -4.25 -0.09
CA ASN A 256 -3.01 -3.17 -0.54
C ASN A 256 -4.40 -3.67 -0.91
N ALA A 257 -4.49 -4.91 -1.43
CA ALA A 257 -5.80 -5.47 -1.76
C ALA A 257 -6.59 -5.82 -0.51
N PHE A 258 -5.92 -6.25 0.56
CA PHE A 258 -6.58 -6.51 1.84
C PHE A 258 -7.22 -5.24 2.38
N GLU A 259 -6.46 -4.15 2.42
CA GLU A 259 -7.00 -2.89 2.88
C GLU A 259 -8.12 -2.39 1.97
N GLN A 260 -7.95 -2.54 0.66
CA GLN A 260 -9.01 -2.11 -0.24
C GLN A 260 -10.29 -2.90 -0.01
N ALA A 261 -10.17 -4.21 0.22
CA ALA A 261 -11.35 -5.03 0.51
C ALA A 261 -12.02 -4.57 1.80
N LYS A 262 -11.23 -4.20 2.81
CA LYS A 262 -11.81 -3.67 4.03
C LYS A 262 -12.60 -2.40 3.76
N GLN A 263 -12.05 -1.49 2.95
CA GLN A 263 -12.76 -0.25 2.63
C GLN A 263 -14.02 -0.53 1.82
N PHE A 264 -13.93 -1.42 0.83
CA PHE A 264 -15.07 -1.66 -0.05
C PHE A 264 -16.19 -2.40 0.67
N THR A 265 -15.86 -3.45 1.44
CA THR A 265 -16.90 -4.23 2.12
C THR A 265 -17.60 -3.44 3.21
N ALA A 266 -16.99 -2.35 3.68
CA ALA A 266 -17.66 -1.46 4.60
C ALA A 266 -18.66 -0.55 3.90
N ALA A 267 -18.51 -0.33 2.60
CA ALA A 267 -19.41 0.52 1.84
C ALA A 267 -20.60 -0.23 1.24
N THR A 268 -20.49 -1.53 1.03
CA THR A 268 -21.57 -2.26 0.37
C THR A 268 -21.49 -3.73 0.79
N GLU A 269 -22.64 -4.42 0.72
CA GLU A 269 -22.69 -5.81 1.13
C GLU A 269 -22.09 -6.72 0.04
N VAL A 270 -21.04 -7.44 0.39
CA VAL A 270 -20.36 -8.34 -0.54
C VAL A 270 -20.59 -9.76 -0.05
N THR A 271 -20.71 -10.71 -1.00
CA THR A 271 -20.91 -12.10 -0.60
C THR A 271 -19.72 -13.01 -0.88
N ALA A 272 -18.79 -12.59 -1.73
CA ALA A 272 -17.66 -13.43 -2.10
C ALA A 272 -16.58 -12.55 -2.72
N LEU A 273 -15.34 -13.06 -2.65
CA LEU A 273 -14.17 -12.36 -3.14
C LEU A 273 -13.52 -13.12 -4.29
N ALA A 274 -12.97 -12.36 -5.23
CA ALA A 274 -12.11 -12.90 -6.27
C ALA A 274 -10.77 -12.17 -6.21
N VAL A 275 -9.68 -12.92 -6.20
CA VAL A 275 -8.35 -12.30 -6.14
C VAL A 275 -7.64 -12.61 -7.45
N THR A 276 -7.33 -11.57 -8.21
CA THR A 276 -6.79 -11.72 -9.55
C THR A 276 -5.28 -11.48 -9.57
N LYS A 277 -4.70 -11.75 -10.75
CA LYS A 277 -3.32 -11.34 -11.08
C LYS A 277 -2.29 -12.01 -10.19
N LEU A 278 -2.58 -13.22 -9.73
CA LEU A 278 -1.59 -13.95 -8.94
C LEU A 278 -0.41 -14.41 -9.79
N ASP A 279 -0.65 -14.69 -11.07
CA ASP A 279 0.39 -15.19 -11.96
C ASP A 279 1.44 -14.12 -12.23
N GLY A 280 2.71 -14.51 -12.15
CA GLY A 280 3.74 -13.57 -12.52
C GLY A 280 4.02 -12.47 -11.52
N THR A 281 3.41 -12.49 -10.34
CA THR A 281 3.78 -11.59 -9.27
C THR A 281 4.02 -12.38 -7.99
N ALA A 282 4.61 -11.71 -7.00
CA ALA A 282 5.19 -12.40 -5.85
C ALA A 282 4.50 -12.07 -4.55
N ARG A 283 3.32 -11.46 -4.60
CA ARG A 283 2.64 -11.00 -3.40
C ARG A 283 1.39 -11.83 -3.09
N GLY A 284 1.32 -13.06 -3.60
CA GLY A 284 0.12 -13.87 -3.48
C GLY A 284 -0.19 -14.34 -2.07
N GLY A 285 0.76 -14.18 -1.13
CA GLY A 285 0.48 -14.51 0.24
C GLY A 285 -0.69 -13.73 0.82
N VAL A 286 -1.07 -12.61 0.18
CA VAL A 286 -2.23 -11.87 0.68
C VAL A 286 -3.48 -12.73 0.66
N VAL A 287 -3.55 -13.71 -0.24
CA VAL A 287 -4.74 -14.58 -0.29
C VAL A 287 -4.91 -15.32 1.03
N ILE A 288 -3.79 -15.74 1.64
CA ILE A 288 -3.84 -16.43 2.91
C ILE A 288 -4.42 -15.53 3.99
N GLY A 289 -3.95 -14.29 4.05
CA GLY A 289 -4.46 -13.36 5.05
C GLY A 289 -5.91 -13.01 4.83
N ILE A 290 -6.31 -12.80 3.57
CA ILE A 290 -7.71 -12.50 3.26
C ILE A 290 -8.61 -13.67 3.67
N SER A 291 -8.25 -14.89 3.27
CA SER A 291 -9.07 -16.04 3.60
C SER A 291 -9.20 -16.20 5.11
N ASP A 292 -8.11 -15.95 5.84
CA ASP A 292 -8.12 -16.11 7.29
C ASP A 292 -8.97 -15.04 7.97
N GLN A 293 -8.86 -13.79 7.53
CA GLN A 293 -9.45 -12.68 8.28
C GLN A 293 -10.87 -12.31 7.84
N PHE A 294 -11.21 -12.48 6.56
CA PHE A 294 -12.50 -11.98 6.09
C PHE A 294 -13.63 -12.93 6.40
N GLN A 295 -14.79 -12.34 6.72
CA GLN A 295 -16.02 -13.09 7.00
C GLN A 295 -16.85 -13.34 5.76
N VAL A 296 -16.27 -13.13 4.58
CA VAL A 296 -16.86 -13.61 3.33
C VAL A 296 -15.79 -14.49 2.69
N PRO A 297 -16.18 -15.48 1.90
CA PRO A 297 -15.18 -16.40 1.34
C PRO A 297 -14.45 -15.83 0.14
N VAL A 298 -13.18 -16.19 0.03
CA VAL A 298 -12.53 -16.18 -1.26
C VAL A 298 -13.16 -17.29 -2.10
N LYS A 299 -13.72 -16.91 -3.25
CA LYS A 299 -14.37 -17.90 -4.10
C LYS A 299 -13.61 -18.18 -5.40
N TYR A 300 -12.93 -17.19 -5.95
CA TYR A 300 -12.20 -17.34 -7.20
C TYR A 300 -10.81 -16.75 -7.07
N ILE A 301 -9.87 -17.32 -7.82
CA ILE A 301 -8.57 -16.73 -8.00
C ILE A 301 -8.30 -16.63 -9.50
N GLY A 302 -7.64 -15.56 -9.89
CA GLY A 302 -7.25 -15.34 -11.27
C GLY A 302 -5.76 -15.59 -11.43
N VAL A 303 -5.42 -16.36 -12.46
CA VAL A 303 -4.04 -16.75 -12.72
C VAL A 303 -3.66 -16.49 -14.17
N GLY A 304 -4.22 -15.45 -14.78
CA GLY A 304 -3.78 -15.11 -16.13
C GLY A 304 -4.77 -14.26 -16.88
N GLU A 305 -4.38 -13.92 -18.11
CA GLU A 305 -5.17 -13.03 -18.96
C GLU A 305 -6.24 -13.74 -19.77
N LYS A 306 -6.19 -15.07 -19.89
CA LYS A 306 -7.05 -15.78 -20.81
C LYS A 306 -8.35 -16.20 -20.13
N MET A 307 -9.35 -16.52 -20.96
CA MET A 307 -10.66 -16.81 -20.39
C MET A 307 -10.64 -18.05 -19.49
N GLN A 308 -9.71 -18.97 -19.71
CA GLN A 308 -9.59 -20.16 -18.86
C GLN A 308 -8.91 -19.87 -17.51
N ASP A 309 -8.31 -18.69 -17.33
CA ASP A 309 -7.39 -18.48 -16.20
C ASP A 309 -8.13 -18.01 -14.93
N LEU A 310 -9.16 -18.78 -14.57
CA LEU A 310 -9.96 -18.55 -13.39
C LEU A 310 -10.12 -19.89 -12.69
N GLN A 311 -10.01 -19.91 -11.37
CA GLN A 311 -10.25 -21.14 -10.63
C GLN A 311 -11.14 -20.86 -9.43
N LEU A 312 -12.09 -21.74 -9.19
CA LEU A 312 -12.77 -21.74 -7.91
C LEU A 312 -11.76 -22.06 -6.81
N PHE A 313 -11.96 -21.46 -5.63
CA PHE A 313 -10.93 -21.47 -4.59
C PHE A 313 -10.96 -22.73 -3.73
N ASN A 314 -9.77 -23.21 -3.39
CA ASN A 314 -9.59 -24.28 -2.40
C ASN A 314 -8.36 -23.91 -1.59
N GLY A 315 -8.56 -23.50 -0.33
CA GLY A 315 -7.45 -23.00 0.46
C GLY A 315 -6.39 -24.06 0.73
N THR A 316 -6.83 -25.30 0.92
CA THR A 316 -5.87 -26.38 1.17
C THR A 316 -4.93 -26.54 -0.02
N GLU A 317 -5.49 -26.55 -1.23
CA GLU A 317 -4.67 -26.70 -2.42
C GLU A 317 -3.85 -25.46 -2.68
N PHE A 318 -4.40 -24.28 -2.39
CA PHE A 318 -3.64 -23.03 -2.52
C PHE A 318 -2.38 -23.08 -1.66
N VAL A 319 -2.55 -23.44 -0.38
CA VAL A 319 -1.42 -23.50 0.53
C VAL A 319 -0.43 -24.58 0.10
N ASP A 320 -0.94 -25.71 -0.37
CA ASP A 320 -0.04 -26.74 -0.87
C ASP A 320 0.83 -26.22 -2.02
N SER A 321 0.19 -25.56 -3.00
CA SER A 321 0.95 -25.02 -4.13
C SER A 321 1.91 -23.91 -3.69
N PHE A 322 1.52 -23.13 -2.70
CA PHE A 322 2.34 -22.02 -2.25
C PHE A 322 3.64 -22.51 -1.58
N PHE A 323 3.56 -23.58 -0.77
CA PHE A 323 4.67 -23.96 0.11
C PHE A 323 5.36 -25.27 -0.23
N LYS A 324 4.85 -26.07 -1.16
CA LYS A 324 5.46 -27.37 -1.40
C LYS A 324 6.81 -27.21 -2.08
N LYS A 325 7.69 -28.19 -1.85
CA LYS A 325 9.00 -28.20 -2.48
C LYS A 325 8.87 -28.47 -3.97
N ARG A 326 9.61 -27.72 -4.78
CA ARG A 326 9.56 -27.88 -6.23
C ARG A 326 10.83 -28.54 -6.78
N MET B 9 1.97 30.94 13.54
CA MET B 9 2.45 31.17 12.18
C MET B 9 3.55 30.19 11.79
N VAL B 10 3.29 29.39 10.75
CA VAL B 10 4.28 28.39 10.33
C VAL B 10 5.55 29.07 9.85
N SER B 11 6.68 28.62 10.39
CA SER B 11 8.00 29.08 9.97
C SER B 11 8.73 27.90 9.34
N TRP B 12 8.96 27.97 8.03
CA TRP B 12 9.52 26.82 7.33
C TRP B 12 11.00 26.64 7.67
N PHE B 13 11.47 25.39 7.52
CA PHE B 13 12.87 25.09 7.81
C PHE B 13 13.82 25.74 6.81
N LYS B 14 13.33 26.02 5.59
CA LYS B 14 14.12 26.72 4.58
C LYS B 14 13.28 27.89 4.09
N LYS B 15 13.71 29.10 4.41
CA LYS B 15 12.92 30.29 4.05
C LYS B 15 13.34 30.92 2.74
N ILE B 16 14.61 30.79 2.36
CA ILE B 16 15.15 31.44 1.16
C ILE B 16 15.72 30.37 0.25
N PHE B 17 15.25 30.33 -0.98
CA PHE B 17 15.74 29.42 -2.00
C PHE B 17 16.58 30.20 -2.99
N LYS B 18 17.86 29.84 -3.10
CA LYS B 18 18.62 30.31 -4.25
C LYS B 18 18.03 29.70 -5.51
N LYS B 19 18.31 30.34 -6.65
CA LYS B 19 17.80 29.85 -7.93
C LYS B 19 18.13 28.37 -8.13
N GLU B 20 19.38 27.99 -7.86
CA GLU B 20 19.79 26.59 -8.01
C GLU B 20 19.03 25.67 -7.07
N GLU B 21 18.69 26.15 -5.87
CA GLU B 21 17.95 25.30 -4.94
C GLU B 21 16.51 25.10 -5.40
N LYS B 22 15.88 26.15 -5.92
CA LYS B 22 14.53 25.99 -6.47
C LYS B 22 14.56 25.07 -7.69
N GLU B 23 15.60 25.17 -8.51
CA GLU B 23 15.71 24.27 -9.66
C GLU B 23 15.82 22.82 -9.20
N SER B 24 16.54 22.57 -8.11
CA SER B 24 16.67 21.21 -7.59
C SER B 24 15.33 20.67 -7.11
N LEU B 25 14.53 21.51 -6.46
CA LEU B 25 13.22 21.08 -6.00
C LEU B 25 12.28 20.82 -7.19
N ASP B 26 12.26 21.74 -8.18
CA ASP B 26 11.47 21.51 -9.39
C ASP B 26 11.84 20.17 -10.03
N LYS B 27 13.15 19.90 -10.16
CA LYS B 27 13.59 18.66 -10.80
C LYS B 27 13.19 17.46 -9.96
N GLY B 28 13.33 17.56 -8.65
CA GLY B 28 12.93 16.45 -7.78
C GLY B 28 11.47 16.09 -7.95
N LEU B 29 10.61 17.09 -8.15
CA LEU B 29 9.16 16.89 -8.23
C LEU B 29 8.65 16.78 -9.66
N GLU B 30 9.57 16.76 -10.63
CA GLU B 30 9.16 16.84 -12.03
C GLU B 30 8.22 15.71 -12.41
N LYS B 31 8.57 14.47 -12.05
CA LYS B 31 7.70 13.36 -12.47
C LYS B 31 6.35 13.41 -11.77
N SER B 32 6.33 13.74 -10.48
CA SER B 32 5.05 13.87 -9.78
C SER B 32 4.23 15.01 -10.38
N SER B 33 4.88 16.13 -10.72
CA SER B 33 4.15 17.25 -11.32
C SER B 33 3.56 16.87 -12.68
N GLN B 34 4.37 16.20 -13.52
CA GLN B 34 3.90 15.80 -14.84
C GLN B 34 2.77 14.80 -14.74
N SER B 35 2.89 13.86 -13.80
CA SER B 35 1.85 12.85 -13.63
CA SER B 35 1.85 12.85 -13.63
C SER B 35 0.54 13.50 -13.21
N PHE B 36 0.61 14.44 -12.27
CA PHE B 36 -0.61 15.10 -11.81
C PHE B 36 -1.27 15.88 -12.94
N PHE B 37 -0.49 16.66 -13.68
CA PHE B 37 -1.04 17.48 -14.74
C PHE B 37 -1.70 16.61 -15.82
N ASP B 38 -1.08 15.47 -16.12
CA ASP B 38 -1.66 14.49 -17.04
C ASP B 38 -3.05 14.05 -16.58
N LYS B 39 -3.17 13.70 -15.30
CA LYS B 39 -4.44 13.21 -14.78
C LYS B 39 -5.51 14.29 -14.81
N VAL B 40 -5.20 15.51 -14.39
CA VAL B 40 -6.23 16.54 -14.36
CA VAL B 40 -6.22 16.55 -14.36
C VAL B 40 -6.60 16.98 -15.77
N SER B 41 -5.62 17.07 -16.67
CA SER B 41 -5.92 17.42 -18.05
CA SER B 41 -5.93 17.43 -18.05
C SER B 41 -6.90 16.43 -18.67
N ARG B 42 -6.61 15.13 -18.51
CA ARG B 42 -7.52 14.12 -19.04
C ARG B 42 -8.88 14.19 -18.39
N ALA B 43 -8.94 14.55 -17.12
CA ALA B 43 -10.21 14.56 -16.40
C ALA B 43 -11.13 15.69 -16.88
N VAL B 44 -10.58 16.81 -17.33
CA VAL B 44 -11.38 17.97 -17.68
C VAL B 44 -11.44 18.22 -19.19
N VAL B 45 -11.02 17.25 -20.02
CA VAL B 45 -11.17 17.43 -21.45
C VAL B 45 -12.65 17.54 -21.78
N GLY B 46 -12.97 18.47 -22.67
CA GLY B 46 -14.35 18.68 -23.04
C GLY B 46 -15.19 19.43 -22.02
N LYS B 47 -14.60 19.83 -20.89
CA LYS B 47 -15.28 20.65 -19.92
C LYS B 47 -14.85 22.11 -20.07
N SER B 48 -15.72 23.01 -19.64
CA SER B 48 -15.42 24.43 -19.64
C SER B 48 -15.45 25.03 -18.25
N LYS B 49 -16.52 24.81 -17.49
CA LYS B 49 -16.69 25.39 -16.17
C LYS B 49 -16.52 24.31 -15.12
N VAL B 50 -16.00 24.70 -13.96
CA VAL B 50 -15.89 23.77 -12.83
C VAL B 50 -17.29 23.57 -12.26
N ASP B 51 -17.78 22.33 -12.32
CA ASP B 51 -19.06 22.01 -11.69
C ASP B 51 -18.89 20.82 -10.75
N ASP B 52 -19.99 20.31 -10.19
CA ASP B 52 -19.87 19.22 -9.22
C ASP B 52 -19.21 18.00 -9.84
N GLU B 53 -19.47 17.74 -11.12
CA GLU B 53 -18.83 16.62 -11.78
C GLU B 53 -17.32 16.81 -11.88
N VAL B 54 -16.87 18.02 -12.21
CA VAL B 54 -15.45 18.29 -12.29
C VAL B 54 -14.80 18.12 -10.92
N LEU B 55 -15.46 18.60 -9.87
CA LEU B 55 -14.87 18.46 -8.52
C LEU B 55 -14.83 17.01 -8.08
N ASP B 56 -15.84 16.22 -8.43
CA ASP B 56 -15.81 14.79 -8.14
C ASP B 56 -14.64 14.12 -8.85
N ASP B 57 -14.46 14.43 -10.14
CA ASP B 57 -13.33 13.84 -10.86
C ASP B 57 -12.01 14.33 -10.30
N LEU B 58 -11.95 15.57 -9.82
CA LEU B 58 -10.72 16.08 -9.23
C LEU B 58 -10.40 15.37 -7.93
N GLU B 59 -11.43 15.03 -7.14
CA GLU B 59 -11.17 14.24 -5.94
C GLU B 59 -10.54 12.90 -6.31
N GLU B 60 -11.07 12.24 -7.34
CA GLU B 60 -10.48 10.99 -7.80
C GLU B 60 -9.03 11.16 -8.22
N VAL B 61 -8.71 12.28 -8.89
CA VAL B 61 -7.32 12.53 -9.30
C VAL B 61 -6.43 12.72 -8.08
N LEU B 62 -6.90 13.47 -7.07
CA LEU B 62 -6.06 13.71 -5.90
C LEU B 62 -5.77 12.42 -5.16
N ILE B 63 -6.79 11.56 -5.02
CA ILE B 63 -6.57 10.24 -4.42
C ILE B 63 -5.59 9.41 -5.26
N ALA B 64 -5.73 9.43 -6.58
CA ALA B 64 -4.80 8.71 -7.45
C ALA B 64 -3.40 9.29 -7.41
N SER B 65 -3.24 10.49 -6.87
CA SER B 65 -1.97 11.16 -6.71
C SER B 65 -1.40 11.01 -5.31
N ASP B 66 -1.96 10.10 -4.51
CA ASP B 66 -1.47 9.74 -3.17
C ASP B 66 -1.58 10.86 -2.14
N VAL B 67 -2.49 11.82 -2.35
CA VAL B 67 -2.64 12.90 -1.39
C VAL B 67 -3.35 12.43 -0.14
N GLY B 68 -4.17 11.40 -0.24
CA GLY B 68 -4.81 10.82 0.93
C GLY B 68 -6.23 11.33 1.13
N VAL B 69 -7.05 10.51 1.81
CA VAL B 69 -8.49 10.79 1.89
C VAL B 69 -8.76 12.06 2.69
N GLU B 70 -8.21 12.15 3.91
CA GLU B 70 -8.58 13.28 4.76
C GLU B 70 -8.10 14.60 4.18
N THR B 71 -6.88 14.63 3.63
CA THR B 71 -6.37 15.87 3.05
C THR B 71 -7.17 16.23 1.80
N THR B 72 -7.47 15.23 0.97
CA THR B 72 -8.21 15.50 -0.26
C THR B 72 -9.59 16.07 0.05
N VAL B 73 -10.25 15.53 1.08
CA VAL B 73 -11.56 16.08 1.46
C VAL B 73 -11.44 17.56 1.80
N LYS B 74 -10.42 17.94 2.57
CA LYS B 74 -10.23 19.34 2.92
C LYS B 74 -10.00 20.19 1.69
N ILE B 75 -9.20 19.69 0.75
CA ILE B 75 -8.89 20.46 -0.45
C ILE B 75 -10.15 20.66 -1.28
N ILE B 76 -10.92 19.59 -1.50
CA ILE B 76 -12.12 19.69 -2.31
C ILE B 76 -13.15 20.56 -1.62
N ARG B 77 -13.23 20.49 -0.29
CA ARG B 77 -14.19 21.32 0.43
C ARG B 77 -13.90 22.80 0.19
N ARG B 78 -12.62 23.17 0.26
CA ARG B 78 -12.24 24.57 0.04
C ARG B 78 -12.48 24.98 -1.41
N ILE B 79 -12.18 24.10 -2.36
CA ILE B 79 -12.42 24.45 -3.77
C ILE B 79 -13.91 24.53 -4.04
N GLU B 80 -14.69 23.61 -3.47
CA GLU B 80 -16.15 23.68 -3.57
C GLU B 80 -16.65 25.04 -3.11
N GLU B 81 -16.14 25.48 -1.95
CA GLU B 81 -16.58 26.75 -1.38
C GLU B 81 -16.17 27.91 -2.29
N ARG B 82 -14.94 27.88 -2.78
CA ARG B 82 -14.44 28.94 -3.65
C ARG B 82 -15.22 28.98 -4.96
N VAL B 83 -15.52 27.81 -5.55
CA VAL B 83 -16.32 27.78 -6.77
C VAL B 83 -17.70 28.37 -6.51
N ALA B 84 -18.30 28.02 -5.36
CA ALA B 84 -19.61 28.56 -5.01
C ALA B 84 -19.58 30.08 -4.89
N ARG B 85 -18.49 30.63 -4.37
CA ARG B 85 -18.40 32.08 -4.23
C ARG B 85 -18.21 32.75 -5.60
N ASP B 86 -17.36 32.18 -6.45
CA ASP B 86 -17.02 32.79 -7.73
C ASP B 86 -17.99 32.42 -8.84
N LYS B 87 -18.85 31.41 -8.63
CA LYS B 87 -19.93 31.04 -9.55
C LYS B 87 -19.40 30.47 -10.87
N TYR B 88 -18.55 31.21 -11.57
CA TYR B 88 -18.00 30.78 -12.85
C TYR B 88 -16.50 30.64 -12.71
N VAL B 89 -16.01 29.40 -12.79
CA VAL B 89 -14.59 29.10 -12.74
C VAL B 89 -14.24 28.24 -13.94
N ASN B 90 -13.23 28.64 -14.70
CA ASN B 90 -12.78 27.90 -15.85
C ASN B 90 -11.89 26.74 -15.41
N VAL B 91 -12.08 25.57 -16.03
CA VAL B 91 -11.31 24.39 -15.65
C VAL B 91 -9.81 24.60 -15.83
N ALA B 92 -9.41 25.52 -16.71
CA ALA B 92 -7.99 25.79 -16.90
C ALA B 92 -7.35 26.39 -15.65
N GLU B 93 -8.15 26.96 -14.75
CA GLU B 93 -7.65 27.59 -13.54
C GLU B 93 -7.38 26.60 -12.41
N LEU B 94 -7.65 25.31 -12.62
CA LEU B 94 -7.56 24.35 -11.53
C LEU B 94 -6.15 24.27 -10.97
N ASN B 95 -5.13 24.29 -11.84
CA ASN B 95 -3.75 24.27 -11.37
C ASN B 95 -3.49 25.44 -10.42
N ASN B 96 -3.93 26.64 -10.81
CA ASN B 96 -3.73 27.81 -9.96
C ASN B 96 -4.51 27.68 -8.67
N ILE B 97 -5.76 27.24 -8.76
CA ILE B 97 -6.60 27.12 -7.56
C ILE B 97 -6.00 26.10 -6.61
N LEU B 98 -5.55 24.96 -7.13
CA LEU B 98 -4.94 23.95 -6.27
C LEU B 98 -3.70 24.50 -5.58
N ARG B 99 -2.84 25.18 -6.34
CA ARG B 99 -1.64 25.75 -5.75
C ARG B 99 -1.98 26.68 -4.61
N GLU B 100 -2.96 27.57 -4.83
CA GLU B 100 -3.33 28.54 -3.80
C GLU B 100 -3.96 27.86 -2.59
N GLU B 101 -4.93 26.98 -2.83
CA GLU B 101 -5.67 26.40 -1.72
C GLU B 101 -4.83 25.43 -0.93
N ILE B 102 -3.99 24.63 -1.60
CA ILE B 102 -3.17 23.67 -0.88
C ILE B 102 -2.05 24.38 -0.12
N SER B 103 -1.46 25.43 -0.72
CA SER B 103 -0.49 26.25 0.02
C SER B 103 -1.10 26.80 1.29
N GLY B 104 -2.30 27.39 1.20
CA GLY B 104 -2.99 27.87 2.38
C GLY B 104 -3.23 26.77 3.39
N LEU B 105 -3.64 25.58 2.92
CA LEU B 105 -3.96 24.49 3.82
C LEU B 105 -2.75 24.07 4.64
N LEU B 106 -1.58 23.91 3.99
CA LEU B 106 -0.41 23.45 4.73
C LEU B 106 0.00 24.45 5.81
N LEU B 107 -0.29 25.73 5.61
CA LEU B 107 0.06 26.71 6.63
C LEU B 107 -0.85 26.64 7.84
N GLU B 108 -1.92 25.84 7.81
CA GLU B 108 -2.86 25.76 8.92
C GLU B 108 -2.44 24.78 9.98
N ASN B 109 -1.41 23.98 9.73
CA ASN B 109 -0.98 22.98 10.71
C ASN B 109 0.05 23.62 11.63
N PRO B 110 -0.28 23.87 12.90
CA PRO B 110 0.68 24.54 13.79
C PRO B 110 1.90 23.67 14.10
N HIS B 111 1.86 22.37 13.80
CA HIS B 111 3.03 21.51 14.01
C HIS B 111 3.97 21.51 12.82
N ALA B 112 3.60 22.13 11.70
CA ALA B 112 4.50 22.25 10.58
C ALA B 112 5.59 23.28 10.87
N GLY B 113 6.72 23.13 10.18
CA GLY B 113 7.79 24.09 10.30
C GLY B 113 8.52 23.96 11.62
N THR B 114 9.38 24.94 11.88
CA THR B 114 10.14 24.97 13.12
C THR B 114 9.35 25.65 14.23
N GLN B 115 9.65 25.29 15.47
CA GLN B 115 9.07 25.98 16.62
C GLN B 115 10.06 26.94 17.26
N ASN B 116 11.27 27.05 16.70
CA ASN B 116 12.28 28.01 17.14
C ASN B 116 12.55 27.89 18.64
N ILE B 117 12.81 26.66 19.07
CA ILE B 117 13.14 26.39 20.45
C ILE B 117 14.58 26.80 20.71
N ASP B 118 14.85 27.35 21.90
CA ASP B 118 16.20 27.78 22.25
C ASP B 118 17.17 26.62 22.10
N LYS B 119 18.37 26.92 21.63
CA LYS B 119 19.35 25.87 21.38
C LYS B 119 19.77 25.21 22.68
N THR B 120 20.03 23.91 22.59
CA THR B 120 20.56 23.12 23.69
C THR B 120 22.06 22.96 23.52
N LYS B 121 22.74 22.62 24.63
CA LYS B 121 24.18 22.46 24.60
C LYS B 121 24.60 21.35 23.63
N LYS B 122 25.69 21.59 22.93
CA LYS B 122 26.27 20.55 22.09
C LYS B 122 26.64 19.34 22.96
N PRO B 123 26.62 18.13 22.38
CA PRO B 123 26.30 17.83 20.98
C PRO B 123 24.79 17.78 20.76
N TYR B 124 24.37 18.11 19.55
CA TYR B 124 23.00 17.92 19.12
C TYR B 124 22.86 16.49 18.63
N VAL B 125 22.01 15.70 19.28
CA VAL B 125 21.95 14.27 19.03
C VAL B 125 20.72 13.94 18.21
N ILE B 126 20.95 13.35 17.03
CA ILE B 126 19.90 12.95 16.10
C ILE B 126 19.83 11.43 16.07
N MET B 127 18.66 10.88 16.34
CA MET B 127 18.43 9.45 16.17
C MET B 127 17.58 9.27 14.92
N VAL B 128 18.13 8.58 13.92
CA VAL B 128 17.44 8.35 12.65
C VAL B 128 16.76 6.99 12.73
N VAL B 129 15.46 6.96 12.46
CA VAL B 129 14.67 5.75 12.63
C VAL B 129 13.83 5.52 11.38
N GLY B 130 13.33 4.31 11.26
CA GLY B 130 12.49 3.93 10.12
C GLY B 130 12.76 2.49 9.74
N VAL B 131 12.01 2.02 8.74
CA VAL B 131 12.08 0.63 8.29
CA VAL B 131 12.12 0.61 8.34
C VAL B 131 13.23 0.46 7.31
N ASN B 132 13.81 -0.74 7.26
CA ASN B 132 14.89 -1.00 6.32
C ASN B 132 14.45 -0.68 4.89
N GLY B 133 15.35 -0.04 4.15
CA GLY B 133 15.14 0.23 2.74
C GLY B 133 14.60 1.62 2.43
N VAL B 134 14.21 2.39 3.44
CA VAL B 134 13.60 3.70 3.14
C VAL B 134 14.63 4.77 2.82
N GLY B 135 15.90 4.55 3.19
CA GLY B 135 16.95 5.53 2.97
C GLY B 135 17.54 6.15 4.22
N LYS B 136 17.46 5.45 5.37
CA LYS B 136 18.01 6.00 6.61
C LYS B 136 19.50 6.30 6.49
N THR B 137 20.28 5.29 6.11
CA THR B 137 21.73 5.44 6.13
C THR B 137 22.18 6.46 5.10
N THR B 138 21.54 6.46 3.92
CA THR B 138 21.77 7.50 2.93
C THR B 138 21.46 8.88 3.48
N THR B 139 20.32 8.99 4.18
CA THR B 139 19.95 10.28 4.74
C THR B 139 20.97 10.74 5.78
N ILE B 140 21.49 9.80 6.59
CA ILE B 140 22.53 10.15 7.55
C ILE B 140 23.75 10.72 6.84
N GLY B 141 24.17 10.08 5.73
CA GLY B 141 25.28 10.64 4.98
C GLY B 141 24.99 12.04 4.47
N LYS B 142 23.78 12.25 3.94
CA LYS B 142 23.38 13.59 3.50
C LYS B 142 23.39 14.59 4.64
N LEU B 143 22.87 14.19 5.82
CA LEU B 143 22.89 15.09 6.97
C LEU B 143 24.32 15.42 7.38
N ALA B 144 25.19 14.42 7.40
CA ALA B 144 26.58 14.64 7.78
C ALA B 144 27.23 15.65 6.85
N HIS B 145 26.95 15.53 5.56
CA HIS B 145 27.44 16.51 4.60
C HIS B 145 26.87 17.90 4.88
N GLN B 146 25.55 17.99 5.10
CA GLN B 146 24.93 19.28 5.41
C GLN B 146 25.65 19.97 6.58
N PHE B 147 25.87 19.25 7.67
CA PHE B 147 26.45 19.85 8.86
C PHE B 147 27.94 20.11 8.69
N LYS B 148 28.69 19.18 8.11
CA LYS B 148 30.11 19.44 7.86
C LYS B 148 30.29 20.65 6.96
N SER B 149 29.40 20.83 5.97
CA SER B 149 29.50 21.99 5.08
CA SER B 149 29.50 21.99 5.09
C SER B 149 29.29 23.29 5.85
N GLU B 150 28.54 23.25 6.94
CA GLU B 150 28.36 24.43 7.79
C GLU B 150 29.53 24.65 8.74
N GLY B 151 30.57 23.83 8.67
CA GLY B 151 31.69 23.95 9.57
C GLY B 151 31.55 23.20 10.88
N LEU B 152 30.56 22.32 11.01
CA LEU B 152 30.32 21.60 12.24
C LEU B 152 31.04 20.26 12.23
N LYS B 153 31.36 19.78 13.44
CA LYS B 153 32.00 18.50 13.66
C LYS B 153 30.94 17.43 13.93
N VAL B 154 30.85 16.45 13.04
CA VAL B 154 29.84 15.40 13.06
C VAL B 154 30.48 14.09 13.52
N VAL B 155 29.76 13.32 14.35
CA VAL B 155 30.15 11.97 14.71
C VAL B 155 28.96 11.03 14.43
N LEU B 156 29.24 9.93 13.74
CA LEU B 156 28.21 8.95 13.39
C LEU B 156 28.28 7.76 14.33
N GLY B 157 27.12 7.21 14.66
CA GLY B 157 27.05 6.01 15.48
C GLY B 157 26.38 4.86 14.75
N ALA B 158 27.08 3.73 14.64
CA ALA B 158 26.58 2.58 13.86
C ALA B 158 25.76 1.65 14.75
N ALA B 159 24.58 2.12 15.15
CA ALA B 159 23.75 1.35 16.07
C ALA B 159 22.72 0.50 15.36
N ASP B 160 22.77 0.43 14.02
CA ASP B 160 22.06 -0.60 13.25
C ASP B 160 23.03 -1.76 13.13
N THR B 161 22.86 -2.79 13.97
CA THR B 161 23.81 -3.88 14.03
C THR B 161 23.20 -5.24 13.70
N PHE B 162 21.94 -5.29 13.23
CA PHE B 162 21.34 -6.59 12.99
C PHE B 162 21.97 -7.29 11.79
N ARG B 163 22.02 -6.61 10.65
N ARG B 163 21.85 -6.68 10.62
CA ARG B 163 22.76 -7.12 9.51
CA ARG B 163 22.15 -7.33 9.35
C ARG B 163 24.20 -6.59 9.56
C ARG B 163 23.63 -7.19 9.01
N ALA B 164 25.16 -7.44 9.17
N ALA B 164 24.04 -7.95 8.00
CA ALA B 164 26.54 -7.00 9.13
CA ALA B 164 25.46 -8.11 7.70
C ALA B 164 26.77 -5.92 8.09
C ALA B 164 26.12 -6.78 7.32
N ALA B 165 26.07 -6.00 6.96
N ALA B 165 25.50 -6.05 6.41
CA ALA B 165 26.19 -4.98 5.93
CA ALA B 165 26.15 -4.89 5.80
C ALA B 165 25.78 -3.60 6.44
C ALA B 165 25.77 -3.56 6.43
N ALA B 166 24.93 -3.55 7.47
CA ALA B 166 24.47 -2.26 8.00
C ALA B 166 25.64 -1.41 8.49
N VAL B 167 26.50 -1.98 9.33
CA VAL B 167 27.63 -1.21 9.83
C VAL B 167 28.55 -0.82 8.67
N ASP B 168 28.81 -1.75 7.75
CA ASP B 168 29.64 -1.46 6.57
C ASP B 168 29.08 -0.29 5.76
N GLN B 169 27.76 -0.23 5.61
CA GLN B 169 27.16 0.84 4.81
C GLN B 169 27.35 2.20 5.47
N LEU B 170 27.25 2.27 6.81
CA LEU B 170 27.50 3.56 7.46
C LEU B 170 28.98 3.93 7.42
N VAL B 171 29.87 2.95 7.55
CA VAL B 171 31.30 3.22 7.37
C VAL B 171 31.55 3.82 6.00
N ILE B 172 30.94 3.23 4.97
CA ILE B 172 31.10 3.72 3.61
C ILE B 172 30.69 5.20 3.53
N TRP B 173 29.56 5.55 4.14
CA TRP B 173 29.13 6.95 4.10
C TRP B 173 30.06 7.83 4.92
N SER B 174 30.55 7.33 6.06
CA SER B 174 31.47 8.15 6.85
C SER B 174 32.71 8.50 6.05
N GLU B 175 33.13 7.59 5.17
CA GLU B 175 34.29 7.85 4.32
C GLU B 175 33.96 8.81 3.18
N ARG B 176 32.77 8.71 2.58
CA ARG B 176 32.41 9.63 1.50
C ARG B 176 32.39 11.07 1.96
N VAL B 177 31.87 11.32 3.15
CA VAL B 177 31.80 12.68 3.65
C VAL B 177 33.08 13.06 4.37
N GLY B 178 33.69 12.12 5.08
CA GLY B 178 34.89 12.40 5.84
C GLY B 178 34.55 12.83 7.24
N VAL B 179 33.81 11.99 7.96
CA VAL B 179 33.47 12.24 9.36
C VAL B 179 33.77 11.00 10.19
N PRO B 180 34.07 11.14 11.48
CA PRO B 180 34.37 9.96 12.30
C PRO B 180 33.13 9.14 12.57
N ILE B 181 33.37 7.86 12.87
CA ILE B 181 32.29 6.91 13.13
C ILE B 181 32.67 6.07 14.35
N VAL B 182 31.66 5.76 15.16
CA VAL B 182 31.82 4.86 16.30
C VAL B 182 31.04 3.60 15.99
N LYS B 183 31.69 2.45 16.12
CA LYS B 183 31.05 1.21 15.74
C LYS B 183 31.56 0.06 16.59
N GLN B 184 30.77 -1.00 16.66
CA GLN B 184 31.23 -2.26 17.21
C GLN B 184 31.00 -3.36 16.18
N ALA B 185 30.78 -4.58 16.62
CA ALA B 185 30.61 -5.70 15.70
C ALA B 185 29.14 -5.86 15.32
N MET B 186 28.90 -6.74 14.34
CA MET B 186 27.55 -7.15 14.02
C MET B 186 26.90 -7.78 15.24
N GLY B 187 25.63 -7.45 15.47
CA GLY B 187 24.93 -7.97 16.63
C GLY B 187 25.35 -7.38 17.96
N SER B 188 26.20 -6.36 17.96
CA SER B 188 26.51 -5.65 19.19
C SER B 188 25.26 -4.94 19.71
N ASP B 189 25.25 -4.71 21.02
CA ASP B 189 24.13 -4.05 21.68
C ASP B 189 23.98 -2.65 21.11
N PRO B 190 22.90 -2.34 20.39
CA PRO B 190 22.80 -0.99 19.80
C PRO B 190 22.90 0.13 20.82
N ALA B 191 22.29 -0.03 22.00
CA ALA B 191 22.41 1.02 23.01
C ALA B 191 23.86 1.25 23.41
N SER B 192 24.65 0.17 23.51
CA SER B 192 26.05 0.32 23.88
CA SER B 192 26.05 0.33 23.89
C SER B 192 26.82 1.09 22.82
N VAL B 193 26.51 0.85 21.54
CA VAL B 193 27.14 1.64 20.48
C VAL B 193 26.75 3.11 20.60
N ALA B 194 25.46 3.37 20.83
CA ALA B 194 25.02 4.75 21.00
C ALA B 194 25.70 5.41 22.19
N PHE B 195 25.84 4.68 23.30
CA PHE B 195 26.51 5.25 24.46
C PHE B 195 27.93 5.67 24.11
N ASP B 196 28.66 4.76 23.45
CA ASP B 196 30.04 5.04 23.07
C ASP B 196 30.10 6.22 22.11
N THR B 197 29.10 6.34 21.22
CA THR B 197 29.09 7.43 20.25
C THR B 197 28.94 8.78 20.94
N VAL B 198 27.99 8.88 21.87
CA VAL B 198 27.78 10.16 22.55
C VAL B 198 28.97 10.48 23.45
N GLN B 199 29.50 9.47 24.15
CA GLN B 199 30.73 9.67 24.95
C GLN B 199 31.85 10.24 24.10
N SER B 200 32.07 9.64 22.92
CA SER B 200 33.14 10.09 22.04
C SER B 200 32.89 11.52 21.56
N ALA B 201 31.64 11.83 21.22
CA ALA B 201 31.30 13.19 20.77
C ALA B 201 31.58 14.22 21.84
N VAL B 202 31.26 13.88 23.10
CA VAL B 202 31.51 14.81 24.19
C VAL B 202 33.01 15.03 24.35
N SER B 203 33.80 13.94 24.35
CA SER B 203 35.24 14.08 24.56
C SER B 203 35.94 14.72 23.37
N GLN B 204 35.37 14.63 22.17
CA GLN B 204 35.95 15.26 20.99
C GLN B 204 35.38 16.65 20.74
N ASP B 205 34.50 17.13 21.62
CA ASP B 205 33.87 18.44 21.46
C ASP B 205 33.12 18.56 20.12
N ALA B 206 32.41 17.49 19.74
CA ALA B 206 31.68 17.49 18.48
C ALA B 206 30.38 18.27 18.61
N ASP B 207 29.88 18.73 17.46
CA ASP B 207 28.66 19.53 17.38
C ASP B 207 27.41 18.69 17.18
N VAL B 208 27.51 17.61 16.41
CA VAL B 208 26.34 16.82 16.02
C VAL B 208 26.68 15.34 16.13
N VAL B 209 25.76 14.57 16.68
CA VAL B 209 25.81 13.11 16.71
C VAL B 209 24.64 12.60 15.90
N ILE B 210 24.88 11.65 15.00
CA ILE B 210 23.78 11.03 14.25
C ILE B 210 23.88 9.52 14.45
N ILE B 211 22.81 8.94 14.98
CA ILE B 211 22.73 7.51 15.30
C ILE B 211 21.89 6.80 14.24
N ASP B 212 22.47 5.78 13.59
CA ASP B 212 21.73 4.89 12.71
C ASP B 212 21.09 3.79 13.52
N THR B 213 19.87 3.37 13.14
CA THR B 213 19.16 2.35 13.88
C THR B 213 18.49 1.37 12.93
N ALA B 214 18.27 0.16 13.44
CA ALA B 214 17.41 -0.78 12.75
C ALA B 214 15.96 -0.41 13.03
N GLY B 215 15.08 -0.82 12.13
CA GLY B 215 13.68 -0.52 12.37
C GLY B 215 12.79 -1.66 11.93
N ARG B 216 12.99 -2.83 12.53
CA ARG B 216 12.22 -4.01 12.15
C ARG B 216 10.83 -3.88 12.74
N LEU B 217 9.90 -3.43 11.92
CA LEU B 217 8.58 -3.05 12.42
C LEU B 217 7.64 -4.23 12.62
N HIS B 218 8.05 -5.45 12.22
CA HIS B 218 7.16 -6.61 12.31
C HIS B 218 6.81 -6.97 13.74
N ASN B 219 7.70 -6.69 14.70
CA ASN B 219 7.40 -6.89 16.11
C ASN B 219 7.57 -5.53 16.77
N LYS B 220 6.46 -4.82 16.96
CA LYS B 220 6.53 -3.47 17.50
C LYS B 220 6.97 -3.43 18.96
N VAL B 221 6.77 -4.52 19.70
CA VAL B 221 7.27 -4.56 21.08
C VAL B 221 8.79 -4.52 21.07
N ASN B 222 9.41 -5.40 20.28
CA ASN B 222 10.87 -5.40 20.22
C ASN B 222 11.41 -4.09 19.70
N LEU B 223 10.76 -3.52 18.68
CA LEU B 223 11.16 -2.22 18.15
C LEU B 223 11.11 -1.14 19.22
N MET B 224 9.97 -1.04 19.90
CA MET B 224 9.79 -0.06 20.95
C MET B 224 10.87 -0.20 22.03
N ASN B 225 11.13 -1.44 22.46
CA ASN B 225 12.10 -1.64 23.53
C ASN B 225 13.51 -1.26 23.09
N GLU B 226 13.88 -1.58 21.85
CA GLU B 226 15.23 -1.28 21.41
C GLU B 226 15.45 0.23 21.32
N LEU B 227 14.53 0.94 20.70
CA LEU B 227 14.67 2.39 20.58
C LEU B 227 14.64 3.07 21.94
N SER B 228 13.79 2.59 22.85
CA SER B 228 13.75 3.22 24.16
CA SER B 228 13.73 3.21 24.18
C SER B 228 15.03 2.97 24.93
N LYS B 229 15.65 1.80 24.74
CA LYS B 229 16.93 1.55 25.42
C LYS B 229 18.02 2.45 24.87
N ILE B 230 18.06 2.64 23.56
CA ILE B 230 19.04 3.57 22.97
C ILE B 230 18.88 4.96 23.56
N LYS B 231 17.65 5.45 23.65
CA LYS B 231 17.41 6.79 24.19
C LYS B 231 17.83 6.86 25.67
N ARG B 232 17.41 5.88 26.46
CA ARG B 232 17.70 5.91 27.90
C ARG B 232 19.20 5.88 28.16
N VAL B 233 19.93 5.08 27.39
CA VAL B 233 21.36 4.95 27.64
C VAL B 233 22.11 6.23 27.21
N MET B 234 21.68 6.85 26.11
CA MET B 234 22.29 8.12 25.71
C MET B 234 22.03 9.20 26.74
N GLN B 235 20.90 9.12 27.45
CA GLN B 235 20.60 10.12 28.46
C GLN B 235 21.51 10.02 29.67
N LYS B 236 22.21 8.89 29.83
CA LYS B 236 23.23 8.80 30.87
C LYS B 236 24.35 9.80 30.62
N VAL B 237 24.61 10.12 29.36
CA VAL B 237 25.67 11.03 28.96
C VAL B 237 25.14 12.43 28.74
N VAL B 238 24.09 12.57 27.93
CA VAL B 238 23.51 13.86 27.60
C VAL B 238 22.02 13.80 27.96
N PRO B 239 21.61 14.45 29.06
CA PRO B 239 20.28 14.16 29.62
C PRO B 239 19.12 14.51 28.71
N ASP B 240 19.27 15.47 27.81
CA ASP B 240 18.16 15.83 26.94
C ASP B 240 18.28 15.21 25.55
N ALA B 241 19.17 14.22 25.37
CA ALA B 241 19.28 13.50 24.10
C ALA B 241 18.25 12.38 24.04
N PRO B 242 17.81 11.98 22.82
CA PRO B 242 18.07 12.62 21.53
C PRO B 242 17.30 13.90 21.42
N HIS B 243 17.93 14.88 20.79
CA HIS B 243 17.26 16.14 20.57
C HIS B 243 16.31 16.07 19.39
N GLU B 244 16.59 15.18 18.44
CA GLU B 244 15.76 14.94 17.27
C GLU B 244 15.64 13.43 17.08
N VAL B 245 14.42 12.98 16.80
CA VAL B 245 14.19 11.62 16.36
C VAL B 245 13.58 11.74 14.97
N LEU B 246 14.37 11.44 13.96
CA LEU B 246 13.99 11.70 12.57
C LEU B 246 13.51 10.41 11.94
N LEU B 247 12.22 10.33 11.63
CA LEU B 247 11.66 9.15 10.96
C LEU B 247 11.75 9.33 9.45
N VAL B 248 12.41 8.39 8.79
CA VAL B 248 12.62 8.42 7.35
C VAL B 248 11.55 7.57 6.67
N LEU B 249 10.94 8.12 5.62
CA LEU B 249 9.82 7.52 4.91
C LEU B 249 10.12 7.53 3.42
N ASP B 250 9.71 6.48 2.74
CA ASP B 250 10.01 6.32 1.32
C ASP B 250 8.88 6.92 0.50
N GLY B 251 9.09 8.14 -0.02
CA GLY B 251 8.07 8.81 -0.80
C GLY B 251 7.75 8.16 -2.14
N SER B 252 8.62 7.28 -2.63
CA SER B 252 8.32 6.55 -3.85
C SER B 252 7.19 5.55 -3.67
N THR B 253 6.80 5.26 -2.43
CA THR B 253 5.71 4.33 -2.15
C THR B 253 4.39 5.05 -1.90
N GLY B 254 4.34 6.37 -2.09
CA GLY B 254 3.09 7.10 -1.96
C GLY B 254 2.45 6.90 -0.59
N GLN B 255 1.14 6.67 -0.60
CA GLN B 255 0.40 6.55 0.65
C GLN B 255 0.86 5.38 1.52
N ASN B 256 1.59 4.40 0.96
CA ASN B 256 2.16 3.38 1.83
C ASN B 256 3.08 3.99 2.88
N ALA B 257 3.76 5.09 2.54
CA ALA B 257 4.62 5.78 3.49
C ALA B 257 3.81 6.48 4.57
N PHE B 258 2.63 7.01 4.20
CA PHE B 258 1.74 7.63 5.19
C PHE B 258 1.31 6.61 6.22
N GLU B 259 0.85 5.43 5.75
CA GLU B 259 0.45 4.39 6.68
C GLU B 259 1.62 3.90 7.53
N GLN B 260 2.79 3.73 6.91
CA GLN B 260 3.94 3.28 7.69
C GLN B 260 4.31 4.28 8.78
N ALA B 261 4.25 5.58 8.46
CA ALA B 261 4.52 6.59 9.48
C ALA B 261 3.49 6.53 10.61
N LYS B 262 2.23 6.27 10.28
CA LYS B 262 1.23 6.10 11.34
C LYS B 262 1.61 4.93 12.24
N GLN B 263 2.02 3.80 11.67
CA GLN B 263 2.40 2.65 12.47
C GLN B 263 3.65 2.93 13.30
N PHE B 264 4.66 3.55 12.68
CA PHE B 264 5.93 3.78 13.37
C PHE B 264 5.78 4.81 14.49
N THR B 265 5.11 5.93 14.22
CA THR B 265 4.97 6.96 15.24
C THR B 265 4.11 6.52 16.42
N ALA B 266 3.30 5.49 16.24
CA ALA B 266 2.56 4.92 17.37
C ALA B 266 3.44 4.04 18.24
N ALA B 267 4.56 3.54 17.71
CA ALA B 267 5.46 2.69 18.47
C ALA B 267 6.56 3.47 19.21
N THR B 268 6.89 4.68 18.76
CA THR B 268 7.99 5.42 19.37
C THR B 268 7.77 6.92 19.13
N GLU B 269 8.35 7.74 20.02
CA GLU B 269 8.20 9.19 19.90
C GLU B 269 9.12 9.74 18.83
N VAL B 270 8.54 10.37 17.82
CA VAL B 270 9.27 10.95 16.70
C VAL B 270 9.13 12.47 16.76
N THR B 271 10.17 13.20 16.35
CA THR B 271 10.07 14.66 16.37
C THR B 271 10.02 15.31 15.00
N ALA B 272 10.41 14.59 13.95
CA ALA B 272 10.46 15.16 12.61
C ALA B 272 10.49 14.04 11.58
N LEU B 273 10.07 14.37 10.35
CA LEU B 273 9.96 13.40 9.27
C LEU B 273 10.90 13.77 8.13
N ALA B 274 11.44 12.75 7.47
CA ALA B 274 12.16 12.94 6.21
C ALA B 274 11.50 12.06 5.16
N VAL B 275 11.20 12.62 3.99
CA VAL B 275 10.56 11.84 2.94
C VAL B 275 11.54 11.75 1.78
N THR B 276 11.96 10.54 1.46
CA THR B 276 13.03 10.33 0.48
C THR B 276 12.48 9.87 -0.86
N LYS B 277 13.37 9.82 -1.85
CA LYS B 277 13.12 9.16 -3.13
C LYS B 277 12.01 9.83 -3.92
N LEU B 278 11.86 11.14 -3.75
CA LEU B 278 10.88 11.88 -4.55
C LEU B 278 11.31 11.98 -6.01
N ASP B 279 12.62 12.00 -6.25
CA ASP B 279 13.13 12.16 -7.61
C ASP B 279 12.82 10.94 -8.46
N GLY B 280 12.33 11.17 -9.67
CA GLY B 280 12.16 10.03 -10.55
C GLY B 280 10.98 9.14 -10.24
N THR B 281 10.14 9.50 -9.28
CA THR B 281 8.89 8.78 -9.04
C THR B 281 7.74 9.77 -9.00
N ALA B 282 6.52 9.24 -9.07
CA ALA B 282 5.35 10.04 -9.39
C ALA B 282 4.33 10.07 -8.25
N ARG B 283 4.71 9.66 -7.05
CA ARG B 283 3.79 9.57 -5.93
C ARG B 283 4.09 10.61 -4.85
N GLY B 284 4.75 11.70 -5.23
CA GLY B 284 5.19 12.70 -4.27
C GLY B 284 4.07 13.47 -3.60
N GLY B 285 2.84 13.36 -4.12
CA GLY B 285 1.72 14.00 -3.46
C GLY B 285 1.52 13.55 -2.04
N VAL B 286 2.08 12.39 -1.67
CA VAL B 286 1.95 11.93 -0.29
C VAL B 286 2.57 12.94 0.68
N VAL B 287 3.57 13.72 0.24
CA VAL B 287 4.15 14.72 1.14
C VAL B 287 3.11 15.73 1.57
N ILE B 288 2.21 16.10 0.66
CA ILE B 288 1.15 17.05 0.99
C ILE B 288 0.24 16.47 2.07
N GLY B 289 -0.14 15.21 1.91
CA GLY B 289 -1.01 14.58 2.90
C GLY B 289 -0.32 14.43 4.25
N ILE B 290 0.95 14.04 4.24
CA ILE B 290 1.72 13.89 5.48
C ILE B 290 1.82 15.23 6.20
N SER B 291 2.23 16.28 5.46
CA SER B 291 2.39 17.59 6.09
C SER B 291 1.08 18.07 6.70
N ASP B 292 -0.05 17.82 6.01
CA ASP B 292 -1.35 18.27 6.51
C ASP B 292 -1.79 17.49 7.74
N GLN B 293 -1.59 16.18 7.74
CA GLN B 293 -2.22 15.33 8.76
C GLN B 293 -1.36 15.07 9.99
N PHE B 294 -0.05 15.03 9.85
CA PHE B 294 0.79 14.63 10.97
C PHE B 294 1.07 15.80 11.92
N GLN B 295 1.15 15.47 13.21
CA GLN B 295 1.46 16.42 14.27
C GLN B 295 2.95 16.53 14.55
N VAL B 296 3.78 16.03 13.65
CA VAL B 296 5.21 16.32 13.65
C VAL B 296 5.53 16.88 12.28
N PRO B 297 6.53 17.74 12.15
CA PRO B 297 6.79 18.37 10.85
C PRO B 297 7.55 17.47 9.90
N VAL B 298 7.22 17.61 8.61
CA VAL B 298 8.17 17.23 7.58
C VAL B 298 9.32 18.23 7.64
N LYS B 299 10.53 17.73 7.84
CA LYS B 299 11.70 18.60 7.94
C LYS B 299 12.64 18.48 6.75
N TYR B 300 12.75 17.30 6.16
CA TYR B 300 13.67 17.07 5.04
C TYR B 300 12.96 16.33 3.93
N ILE B 301 13.41 16.58 2.71
CA ILE B 301 13.02 15.76 1.56
C ILE B 301 14.29 15.29 0.87
N GLY B 302 14.24 14.06 0.36
CA GLY B 302 15.35 13.49 -0.40
C GLY B 302 15.00 13.49 -1.88
N VAL B 303 15.94 13.95 -2.70
CA VAL B 303 15.72 14.10 -4.13
C VAL B 303 16.87 13.48 -4.92
N GLY B 304 17.50 12.45 -4.37
CA GLY B 304 18.50 11.75 -5.15
C GLY B 304 19.44 10.91 -4.33
N GLU B 305 20.38 10.28 -5.04
CA GLU B 305 21.31 9.35 -4.42
C GLU B 305 22.55 10.02 -3.83
N LYS B 306 22.82 11.28 -4.18
CA LYS B 306 24.10 11.87 -3.83
C LYS B 306 24.01 12.61 -2.49
N MET B 307 25.17 12.89 -1.89
CA MET B 307 25.16 13.49 -0.57
C MET B 307 24.53 14.89 -0.58
N GLN B 308 24.55 15.58 -1.72
CA GLN B 308 23.93 16.90 -1.82
C GLN B 308 22.40 16.85 -1.92
N ASP B 309 21.81 15.68 -2.18
CA ASP B 309 20.41 15.61 -2.61
C ASP B 309 19.42 15.56 -1.42
N LEU B 310 19.56 16.53 -0.52
CA LEU B 310 18.72 16.69 0.65
C LEU B 310 18.32 18.15 0.71
N GLN B 311 17.07 18.41 1.06
CA GLN B 311 16.63 19.80 1.26
C GLN B 311 15.82 19.90 2.54
N LEU B 312 16.06 20.97 3.29
CA LEU B 312 15.13 21.32 4.36
C LEU B 312 13.79 21.69 3.75
N PHE B 313 12.70 21.33 4.44
CA PHE B 313 11.37 21.39 3.86
C PHE B 313 10.77 22.79 3.94
N ASN B 314 10.08 23.18 2.87
CA ASN B 314 9.27 24.40 2.81
C ASN B 314 7.99 24.03 2.07
N GLY B 315 6.88 23.95 2.79
CA GLY B 315 5.64 23.46 2.17
C GLY B 315 5.13 24.37 1.07
N THR B 316 5.30 25.68 1.23
CA THR B 316 4.86 26.62 0.21
C THR B 316 5.62 26.40 -1.08
N GLU B 317 6.94 26.26 -0.98
CA GLU B 317 7.73 26.04 -2.18
C GLU B 317 7.51 24.65 -2.76
N PHE B 318 7.28 23.66 -1.90
CA PHE B 318 6.95 22.31 -2.38
C PHE B 318 5.69 22.33 -3.24
N VAL B 319 4.62 22.94 -2.73
CA VAL B 319 3.36 23.00 -3.47
C VAL B 319 3.53 23.79 -4.75
N ASP B 320 4.28 24.90 -4.69
CA ASP B 320 4.53 25.68 -5.90
C ASP B 320 5.24 24.82 -6.96
N SER B 321 6.29 24.10 -6.56
CA SER B 321 6.99 23.24 -7.52
C SER B 321 6.11 22.10 -8.00
N PHE B 322 5.23 21.59 -7.14
CA PHE B 322 4.38 20.48 -7.54
C PHE B 322 3.35 20.91 -8.60
N PHE B 323 2.78 22.11 -8.48
CA PHE B 323 1.61 22.51 -9.28
C PHE B 323 1.84 23.61 -10.30
N LYS B 324 3.01 24.26 -10.32
CA LYS B 324 3.16 25.38 -11.23
C LYS B 324 3.25 24.89 -12.68
N LYS B 325 2.84 25.76 -13.60
CA LYS B 325 2.89 25.42 -15.02
C LYS B 325 4.35 25.37 -15.50
N ARG B 326 4.66 24.33 -16.27
CA ARG B 326 6.01 24.16 -16.81
C ARG B 326 6.01 24.41 -18.32
PB GDP C . -11.41 -3.62 -14.52
O1B GDP C . -11.13 -2.14 -14.67
O2B GDP C . -11.47 -3.94 -13.04
O3B GDP C . -12.67 -4.02 -15.24
O3A GDP C . -10.17 -4.46 -15.09
PA GDP C . -10.00 -5.17 -16.51
O1A GDP C . -10.16 -4.16 -17.64
O2A GDP C . -10.90 -6.36 -16.68
O5' GDP C . -8.49 -5.71 -16.39
C5' GDP C . -7.37 -4.84 -16.27
C4' GDP C . -6.14 -5.65 -16.64
O4' GDP C . -5.93 -6.68 -15.67
C3' GDP C . -6.26 -6.34 -17.99
O3' GDP C . -5.07 -6.08 -18.74
C2' GDP C . -6.31 -7.82 -17.71
O2' GDP C . -5.63 -8.62 -18.68
C1' GDP C . -5.59 -7.88 -16.36
N9 GDP C . -5.97 -9.05 -15.57
C8 GDP C . -7.18 -9.31 -14.98
N7 GDP C . -7.13 -10.50 -14.34
C5 GDP C . -5.87 -10.99 -14.48
C6 GDP C . -5.13 -12.18 -14.03
O6 GDP C . -5.68 -13.05 -13.35
N1 GDP C . -3.84 -12.32 -14.42
C2 GDP C . -3.21 -11.39 -15.17
N2 GDP C . -1.90 -11.59 -15.51
N3 GDP C . -3.81 -10.26 -15.61
C4 GDP C . -5.12 -10.02 -15.29
MG MG D . -14.03 -3.01 -16.38
PB GDP E . -40.25 3.15 -6.36
PB GDP E . -45.04 0.99 -9.18
O1B GDP E . -40.49 4.61 -6.01
O1B GDP E . -43.70 1.33 -8.57
O2B GDP E . -40.44 2.30 -5.13
O2B GDP E . -46.02 2.10 -8.90
O3B GDP E . -41.21 2.73 -7.45
O3B GDP E . -45.55 -0.30 -8.57
O3A GDP E . -38.74 2.98 -6.91
O3A GDP E . -44.85 0.79 -10.76
PA GDP E . -38.23 4.05 -8.00
PA GDP E . -44.19 -0.58 -11.27
O1A GDP E . -37.40 5.12 -7.36
O1A GDP E . -45.25 -1.66 -11.39
O2A GDP E . -39.40 4.64 -8.74
O2A GDP E . -43.10 -1.00 -10.33
O5' GDP E . -37.33 3.18 -9.01
O5' GDP E . -43.57 -0.27 -12.72
C5' GDP E . -37.21 3.67 -10.33
C5' GDP E . -42.62 -1.20 -13.22
C4' GDP E . -35.93 3.17 -10.96
C4' GDP E . -42.35 -0.98 -14.69
O4' GDP E . -36.11 1.85 -11.46
O4' GDP E . -41.59 0.21 -14.90
C3' GDP E . -35.53 4.03 -12.14
C3' GDP E . -41.51 -2.12 -15.27
O3' GDP E . -34.61 5.05 -11.73
O3' GDP E . -42.34 -3.15 -15.80
C2' GDP E . -34.92 3.06 -13.11
C2' GDP E . -40.69 -1.45 -16.35
O2' GDP E . -33.51 2.94 -12.88
O2' GDP E . -41.39 -1.48 -17.59
C1' GDP E . -35.55 1.73 -12.78
C1' GDP E . -40.59 -0.01 -15.91
N9 GDP E . -36.62 1.38 -13.74
N9 GDP E . -39.25 0.30 -15.34
C8 GDP E . -37.94 1.37 -13.44
C8 GDP E . -39.03 0.55 -14.03
N7 GDP E . -38.68 1.00 -14.51
N7 GDP E . -37.73 0.82 -13.81
C5 GDP E . -37.83 0.77 -15.53
C5 GDP E . -37.09 0.74 -14.99
C6 GDP E . -37.95 0.35 -16.94
C6 GDP E . -35.69 0.91 -15.46
O6 GDP E . -39.08 0.12 -17.44
O6 GDP E . -34.78 1.20 -14.66
N1 GDP E . -36.84 0.22 -17.68
N1 GDP E . -35.43 0.75 -16.76
C2 GDP E . -35.62 0.45 -17.15
C2 GDP E . -36.40 0.44 -17.65
N2 GDP E . -34.55 0.29 -17.96
N2 GDP E . -36.05 0.31 -18.95
N3 GDP E . -35.42 0.84 -15.86
N3 GDP E . -37.70 0.28 -17.29
C4 GDP E . -36.47 1.02 -15.02
C4 GDP E . -38.09 0.41 -16.00
C1 EDO F . 0.77 -7.48 -12.65
O1 EDO F . -0.10 -8.38 -13.35
C2 EDO F . 0.00 -6.26 -12.19
O2 EDO F . -0.56 -5.56 -13.31
C1 EDO G . -9.64 -13.92 -24.83
O1 EDO G . -9.99 -14.75 -25.95
C2 EDO G . -8.48 -14.58 -24.10
O2 EDO G . -8.89 -15.90 -23.72
C1 EDO H . -12.67 -7.82 7.70
O1 EDO H . -12.93 -8.63 8.86
C2 EDO H . -11.18 -7.77 7.44
O2 EDO H . -10.51 -7.10 8.52
C1 EDO I . -15.96 -24.16 11.00
O1 EDO I . -14.68 -24.26 10.36
C2 EDO I . -15.78 -24.07 12.51
O2 EDO I . -14.84 -23.03 12.84
PB GDP J . 18.10 2.11 4.78
O1B GDP J . 16.82 2.75 5.28
O2B GDP J . 17.94 0.60 4.76
O3B GDP J . 19.31 2.54 5.56
O3A GDP J . 18.28 2.63 3.27
PA GDP J . 19.66 2.95 2.53
O1A GDP J . 20.28 4.20 3.06
O2A GDP J . 20.56 1.74 2.48
O5' GDP J . 19.10 3.31 1.07
C5' GDP J . 18.46 2.33 0.26
C4' GDP J . 18.47 2.84 -1.17
O4' GDP J . 17.66 4.00 -1.26
C3' GDP J . 19.86 3.24 -1.66
O3' GDP J . 20.12 2.60 -2.90
C2' GDP J . 19.80 4.74 -1.87
O2' GDP J . 20.54 5.22 -3.00
C1' GDP J . 18.31 4.96 -2.09
N9 GDP J . 17.88 6.32 -1.73
C8 GDP J . 17.83 6.88 -0.49
N7 GDP J . 17.40 8.17 -0.55
C5 GDP J . 17.14 8.43 -1.85
C6 GDP J . 16.65 9.57 -2.63
O6 GDP J . 16.34 10.65 -2.07
N1 GDP J . 16.56 9.43 -3.98
C2 GDP J . 16.87 8.28 -4.62
N2 GDP J . 16.74 8.23 -5.97
N3 GDP J . 17.33 7.18 -3.97
C4 GDP J . 17.47 7.21 -2.62
MG MG K . 20.70 1.50 6.68
C1 EDO L . 28.40 9.51 -2.31
O1 EDO L . 29.68 10.04 -2.71
C2 EDO L . 27.34 10.12 -3.22
O2 EDO L . 27.46 11.54 -3.13
C1 EDO M . -5.90 8.17 4.08
O1 EDO M . -5.94 8.12 2.66
C2 EDO M . -4.45 8.32 4.54
O2 EDO M . -3.93 9.59 4.14
C1 EDO N . 19.76 15.02 -9.19
O1 EDO N . 20.31 16.16 -8.51
C2 EDO N . 19.81 13.81 -8.27
O2 EDO N . 21.18 13.48 -7.96
C1 EDO O . -1.33 6.00 -11.10
O1 EDO O . -0.45 7.12 -11.27
C2 EDO O . -2.54 6.38 -10.25
O2 EDO O . -2.21 6.32 -8.86
#